data_9DOL
#
_entry.id   9DOL
#
_cell.length_a   201.127
_cell.length_b   51.051
_cell.length_c   76.208
_cell.angle_alpha   90.00
_cell.angle_beta   106.28
_cell.angle_gamma   90.00
#
_symmetry.space_group_name_H-M   'C 1 2 1'
#
loop_
_entity.id
_entity.type
_entity.pdbx_description
1 polymer 'Protein-arginine deiminase type-2'
2 non-polymer 'CALCIUM ION'
3 non-polymer (2S)-2-amino-2-{1-[(5M)-5-(3,5-dichloropyridin-2-yl)isoquinolin-1-yl]piperidin-4-yl}-1-(pyrrolidin-1-yl)ethan-1-one
4 water water
#
_entity_poly.entity_id   1
_entity_poly.type   'polypeptide(L)'
_entity_poly.pdbx_seq_one_letter_code
;MGHHHHHHHHHHSSGHIEGRHMLRERTVRLQYGSRVEAVYVLGTYLWTDVYSAAPAGAQTFSLKHSEHVWVEVVRDGEAE
EVATNGKQRWLLSPSTTLRVTMSQASTEASSDKVTVNYYDEEGSIPIDQAGLFLTAIEISLDVDADRDGVVEKNNPKKAS
WTWGPEGQGAILLVNCDRETPWLPKEDCRDEKVYSKEDLKDMSQMILRTKGPDRLPAGYEIVLYISMSDSDKVGVFYVEN
PFFGQRYIHILGRRKLYHVVKYTGGSAELLFFVEGLCFPDEGFSGLVSIHVSLLEYMAQDIPLTPIFTDTVIFRIAPWIM
TPNILPPVSVFVCCMKDNYLFLKEVKNLVEKTNCELKVCFQYLNRGDRWIQDEIEFGYIEAPHKGFPVVLDSPRDGNLKD
FPVKELLGPDFGYVTREPLFESVTSLDSFGNLEVSPPVTVNGKTYPLGRILIGSSFPLSGGRRMTKVVRDFLKAQQVQAP
VELYSDWLTVGHVDEFMSFVPIPGTKKFLLLMASTSACYKLFREKQKDGHGEAIMFKGLGGMSSKRITINKILSNESLVQ
ENLYFQRCLDWNRDILKKELGLTEQDIIDLPALFKMDEDHRARAFFPNMVNMIVLDKDLGIPKPFGPQVEEECCLEMHVR
GLLEPLGLECTFIDDISAYHKFLGEVHCGTNVRRKPFTFKWWHMVPSRRS
;
_entity_poly.pdbx_strand_id   A
#
loop_
_chem_comp.id
_chem_comp.type
_chem_comp.name
_chem_comp.formula
A1A8O non-polymer (2S)-2-amino-2-{1-[(5M)-5-(3,5-dichloropyridin-2-yl)isoquinolin-1-yl]piperidin-4-yl}-1-(pyrrolidin-1-yl)ethan-1-one 'C25 H27 Cl2 N5 O'
CA non-polymer 'CALCIUM ION' 'Ca 2'
#
# COMPACT_ATOMS: atom_id res chain seq x y z
N MET A 22 33.58 -4.31 -7.15
CA MET A 22 34.15 -5.27 -8.09
C MET A 22 33.56 -6.67 -7.86
N LEU A 23 32.49 -7.00 -8.57
CA LEU A 23 31.80 -8.26 -8.36
C LEU A 23 31.25 -8.83 -9.66
N ARG A 24 30.69 -8.00 -10.54
CA ARG A 24 30.21 -8.46 -11.83
C ARG A 24 31.37 -8.59 -12.81
N GLU A 25 31.49 -9.74 -13.46
CA GLU A 25 32.52 -9.93 -14.47
C GLU A 25 31.97 -9.61 -15.84
N ARG A 26 32.74 -8.85 -16.62
CA ARG A 26 32.35 -8.43 -17.96
C ARG A 26 33.45 -8.80 -18.94
N THR A 27 33.06 -9.34 -20.09
CA THR A 27 34.01 -9.79 -21.10
C THR A 27 34.39 -8.62 -22.00
N VAL A 28 35.68 -8.28 -22.02
CA VAL A 28 36.22 -7.29 -22.95
C VAL A 28 37.45 -7.93 -23.59
N ARG A 29 37.36 -8.18 -24.90
CA ARG A 29 38.45 -8.80 -25.63
C ARG A 29 39.35 -7.76 -26.28
N LEU A 30 40.65 -8.02 -26.24
CA LEU A 30 41.58 -7.25 -27.05
C LEU A 30 41.38 -7.61 -28.53
N GLN A 31 41.54 -6.62 -29.39
CA GLN A 31 41.30 -6.80 -30.81
C GLN A 31 42.61 -6.93 -31.56
N TYR A 32 42.67 -7.87 -32.50
CA TYR A 32 43.87 -8.18 -33.27
C TYR A 32 44.54 -6.90 -33.76
N GLY A 33 45.67 -6.56 -33.16
CA GLY A 33 46.44 -5.38 -33.58
C GLY A 33 45.85 -4.06 -33.21
N SER A 34 44.54 -3.90 -33.36
CA SER A 34 43.90 -2.62 -33.08
C SER A 34 43.88 -2.36 -31.57
N ARG A 35 43.50 -1.13 -31.21
CA ARG A 35 43.34 -0.73 -29.82
C ARG A 35 41.85 -0.65 -29.48
N VAL A 36 41.49 -1.15 -28.31
CA VAL A 36 40.12 -1.16 -27.83
C VAL A 36 39.98 -0.10 -26.75
N GLU A 37 38.99 0.78 -26.89
CA GLU A 37 38.68 1.79 -25.90
C GLU A 37 37.31 1.48 -25.32
N ALA A 38 37.22 1.43 -23.99
CA ALA A 38 36.01 0.99 -23.34
C ALA A 38 35.75 1.83 -22.10
N VAL A 39 34.47 2.07 -21.82
CA VAL A 39 34.06 2.63 -20.55
C VAL A 39 33.99 1.50 -19.52
N TYR A 40 34.59 1.74 -18.36
CA TYR A 40 34.60 0.78 -17.25
C TYR A 40 33.70 1.33 -16.16
N VAL A 41 32.67 0.56 -15.78
CA VAL A 41 31.76 0.99 -14.73
C VAL A 41 32.21 0.37 -13.41
N LEU A 42 32.44 1.23 -12.42
CA LEU A 42 32.85 0.75 -11.10
C LEU A 42 31.79 -0.21 -10.54
N GLY A 43 32.26 -1.18 -9.76
CA GLY A 43 31.43 -2.27 -9.32
C GLY A 43 31.50 -3.50 -10.21
N THR A 44 32.16 -3.40 -11.34
CA THR A 44 32.39 -4.52 -12.24
C THR A 44 33.89 -4.74 -12.38
N TYR A 45 34.26 -5.83 -13.03
CA TYR A 45 35.62 -6.00 -13.49
C TYR A 45 35.58 -6.72 -14.83
N LEU A 46 36.69 -6.63 -15.55
CA LEU A 46 36.79 -7.18 -16.88
C LEU A 46 37.59 -8.48 -16.85
N TRP A 47 37.13 -9.45 -17.61
CA TRP A 47 37.98 -10.55 -18.06
C TRP A 47 38.35 -10.25 -19.50
N THR A 48 39.65 -10.30 -19.80
CA THR A 48 40.16 -9.83 -21.08
C THR A 48 40.92 -10.96 -21.76
N ASP A 49 40.45 -11.34 -22.95
CA ASP A 49 41.18 -12.27 -23.80
C ASP A 49 42.33 -11.55 -24.47
N VAL A 50 43.56 -12.03 -24.23
CA VAL A 50 44.74 -11.54 -24.96
C VAL A 50 45.18 -12.51 -26.05
N TYR A 51 44.65 -13.73 -26.06
CA TYR A 51 45.13 -14.77 -26.97
C TYR A 51 44.60 -14.60 -28.38
N SER A 52 43.33 -14.20 -28.53
N SER A 52 43.33 -14.19 -28.53
CA SER A 52 42.75 -14.07 -29.85
CA SER A 52 42.75 -14.06 -29.86
C SER A 52 43.37 -12.91 -30.63
C SER A 52 43.37 -12.91 -30.63
N ALA A 53 43.86 -11.89 -29.94
CA ALA A 53 44.50 -10.75 -30.59
C ALA A 53 45.96 -10.98 -30.92
N ALA A 54 46.56 -12.06 -30.41
CA ALA A 54 47.95 -12.34 -30.70
C ALA A 54 48.14 -12.62 -32.18
N PRO A 55 49.19 -12.07 -32.79
CA PRO A 55 49.48 -12.41 -34.19
C PRO A 55 49.77 -13.91 -34.31
N ALA A 56 49.54 -14.43 -35.51
CA ALA A 56 49.86 -15.83 -35.74
C ALA A 56 51.33 -16.09 -35.45
N GLY A 57 51.63 -17.27 -34.89
CA GLY A 57 52.97 -17.64 -34.55
C GLY A 57 53.52 -17.03 -33.29
N ALA A 58 52.90 -15.97 -32.77
CA ALA A 58 53.35 -15.36 -31.52
C ALA A 58 53.33 -16.38 -30.40
N GLN A 59 54.33 -16.31 -29.53
CA GLN A 59 54.54 -17.34 -28.51
C GLN A 59 54.34 -16.85 -27.08
N THR A 60 54.68 -15.60 -26.78
CA THR A 60 54.59 -15.08 -25.43
C THR A 60 54.02 -13.66 -25.47
N PHE A 61 53.64 -13.15 -24.30
CA PHE A 61 53.18 -11.79 -24.20
C PHE A 61 53.62 -11.20 -22.86
N SER A 62 53.84 -9.90 -22.86
CA SER A 62 54.04 -9.11 -21.66
C SER A 62 53.01 -7.98 -21.66
N LEU A 63 53.01 -7.18 -20.59
CA LEU A 63 51.98 -6.16 -20.51
C LEU A 63 52.46 -5.01 -19.64
N LYS A 64 51.89 -3.83 -19.91
CA LYS A 64 52.04 -2.65 -19.09
C LYS A 64 50.65 -2.16 -18.70
N HIS A 65 50.58 -1.38 -17.64
CA HIS A 65 49.29 -0.77 -17.28
C HIS A 65 49.53 0.42 -16.38
N SER A 66 48.54 1.31 -16.34
CA SER A 66 48.65 2.54 -15.58
C SER A 66 48.35 2.28 -14.10
N GLU A 67 48.55 3.33 -13.29
CA GLU A 67 48.55 3.16 -11.84
C GLU A 67 47.19 2.74 -11.31
N HIS A 68 46.12 3.30 -11.86
CA HIS A 68 44.78 3.08 -11.34
C HIS A 68 44.06 1.91 -11.97
N VAL A 69 44.77 1.09 -12.74
CA VAL A 69 44.23 -0.15 -13.29
C VAL A 69 44.99 -1.30 -12.64
N TRP A 70 44.27 -2.13 -11.90
CA TRP A 70 44.84 -3.37 -11.41
C TRP A 70 44.71 -4.45 -12.48
N VAL A 71 45.78 -5.20 -12.69
CA VAL A 71 45.82 -6.21 -13.75
C VAL A 71 46.35 -7.51 -13.17
N GLU A 72 45.62 -8.59 -13.38
CA GLU A 72 46.04 -9.92 -12.99
C GLU A 72 46.13 -10.80 -14.22
N VAL A 73 47.19 -11.58 -14.30
CA VAL A 73 47.26 -12.68 -15.27
C VAL A 73 46.69 -13.91 -14.60
N VAL A 74 45.77 -14.59 -15.29
CA VAL A 74 45.05 -15.75 -14.76
C VAL A 74 45.39 -16.94 -15.65
N ARG A 75 46.01 -17.96 -15.06
CA ARG A 75 46.56 -19.09 -15.80
C ARG A 75 45.97 -20.39 -15.28
N ASP A 76 44.74 -20.68 -15.71
CA ASP A 76 44.00 -21.86 -15.28
C ASP A 76 43.38 -21.61 -13.91
N GLY A 77 42.74 -20.45 -13.74
CA GLY A 77 42.05 -20.11 -12.52
C GLY A 77 42.90 -19.45 -11.46
N GLU A 78 44.22 -19.50 -11.58
CA GLU A 78 45.13 -18.91 -10.60
C GLU A 78 45.58 -17.53 -11.09
N ALA A 79 45.26 -16.50 -10.32
CA ALA A 79 45.52 -15.12 -10.72
C ALA A 79 46.79 -14.60 -10.08
N GLU A 80 47.52 -13.76 -10.81
CA GLU A 80 48.75 -13.16 -10.34
C GLU A 80 48.71 -11.66 -10.61
N GLU A 81 48.90 -10.87 -9.56
CA GLU A 81 48.90 -9.42 -9.72
C GLU A 81 50.19 -8.97 -10.41
N VAL A 82 50.04 -8.17 -11.45
CA VAL A 82 51.16 -7.75 -12.30
C VAL A 82 51.46 -6.28 -12.04
N ALA A 83 52.75 -5.94 -12.03
CA ALA A 83 53.17 -4.56 -11.84
C ALA A 83 52.81 -3.72 -13.07
N THR A 84 52.93 -2.40 -12.91
CA THR A 84 52.58 -1.48 -13.98
C THR A 84 53.55 -1.61 -15.15
N ASN A 85 54.85 -1.58 -14.87
CA ASN A 85 55.90 -1.58 -15.91
C ASN A 85 56.85 -2.74 -15.61
N GLY A 86 56.41 -3.95 -15.92
CA GLY A 86 57.23 -5.14 -15.77
C GLY A 86 57.56 -5.71 -17.14
N LYS A 87 58.70 -6.39 -17.22
CA LYS A 87 59.14 -7.04 -18.45
C LYS A 87 58.83 -8.53 -18.47
N GLN A 88 57.97 -9.00 -17.57
CA GLN A 88 57.69 -10.43 -17.50
C GLN A 88 56.90 -10.88 -18.71
N ARG A 89 57.20 -12.08 -19.18
CA ARG A 89 56.50 -12.69 -20.31
C ARG A 89 55.78 -13.95 -19.84
N TRP A 90 54.63 -14.21 -20.45
CA TRP A 90 53.86 -15.42 -20.22
C TRP A 90 53.61 -16.11 -21.54
N LEU A 91 53.55 -17.44 -21.51
CA LEU A 91 53.20 -18.21 -22.69
C LEU A 91 51.76 -17.90 -23.10
N LEU A 92 51.56 -17.62 -24.39
CA LEU A 92 50.23 -17.39 -24.91
C LEU A 92 49.42 -18.67 -24.86
N SER A 93 48.24 -18.61 -24.24
CA SER A 93 47.36 -19.76 -24.13
C SER A 93 45.92 -19.28 -24.04
N PRO A 94 44.96 -20.00 -24.64
CA PRO A 94 43.56 -19.61 -24.45
C PRO A 94 43.14 -19.59 -23.00
N SER A 95 43.79 -20.38 -22.15
CA SER A 95 43.45 -20.47 -20.73
C SER A 95 44.23 -19.48 -19.88
N THR A 96 45.06 -18.64 -20.48
CA THR A 96 45.74 -17.56 -19.77
C THR A 96 45.11 -16.24 -20.22
N THR A 97 44.53 -15.52 -19.27
CA THR A 97 43.79 -14.30 -19.56
C THR A 97 44.19 -13.21 -18.57
N LEU A 98 43.58 -12.05 -18.71
CA LEU A 98 43.73 -10.97 -17.76
C LEU A 98 42.40 -10.72 -17.05
N ARG A 99 42.49 -10.35 -15.78
CA ARG A 99 41.38 -9.77 -15.05
C ARG A 99 41.76 -8.32 -14.76
N VAL A 100 40.90 -7.39 -15.18
CA VAL A 100 41.20 -5.96 -15.13
C VAL A 100 40.17 -5.31 -14.21
N THR A 101 40.65 -4.61 -13.20
CA THR A 101 39.78 -3.98 -12.22
CA THR A 101 39.78 -3.98 -12.22
C THR A 101 40.25 -2.56 -11.93
N MET A 102 39.30 -1.68 -11.65
CA MET A 102 39.55 -0.32 -11.24
C MET A 102 38.65 -0.01 -10.05
N SER A 103 39.09 0.92 -9.22
CA SER A 103 38.30 1.31 -8.05
C SER A 103 38.02 2.80 -7.96
N GLN A 104 38.62 3.63 -8.80
CA GLN A 104 38.36 5.05 -8.83
C GLN A 104 37.94 5.46 -10.23
N ALA A 105 37.03 6.41 -10.31
CA ALA A 105 36.58 6.91 -11.61
C ALA A 105 37.69 7.73 -12.26
N SER A 106 37.69 7.72 -13.59
CA SER A 106 38.66 8.52 -14.34
C SER A 106 38.34 9.99 -14.22
N THR A 107 39.37 10.82 -14.37
CA THR A 107 39.20 12.26 -14.47
C THR A 107 39.67 12.74 -15.84
N GLU A 108 39.89 14.03 -15.99
CA GLU A 108 40.43 14.54 -17.25
C GLU A 108 41.92 14.25 -17.39
N ALA A 109 42.64 14.11 -16.28
CA ALA A 109 44.07 13.79 -16.29
C ALA A 109 44.33 12.28 -16.31
N SER A 110 43.29 11.47 -16.51
CA SER A 110 43.46 10.03 -16.49
C SER A 110 43.96 9.51 -17.84
N SER A 111 44.83 8.52 -17.78
CA SER A 111 45.24 7.74 -18.95
C SER A 111 45.22 6.26 -18.57
N ASP A 112 44.04 5.78 -18.23
CA ASP A 112 43.88 4.41 -17.76
C ASP A 112 44.00 3.45 -18.93
N LYS A 113 45.06 2.66 -18.95
CA LYS A 113 45.31 1.79 -20.09
C LYS A 113 45.95 0.49 -19.65
N VAL A 114 45.77 -0.54 -20.47
CA VAL A 114 46.49 -1.79 -20.39
C VAL A 114 47.04 -2.09 -21.78
N THR A 115 48.32 -2.44 -21.85
CA THR A 115 48.99 -2.68 -23.12
C THR A 115 49.62 -4.07 -23.09
N VAL A 116 49.34 -4.85 -24.13
CA VAL A 116 49.88 -6.19 -24.28
C VAL A 116 50.84 -6.18 -25.45
N ASN A 117 52.07 -6.64 -25.21
CA ASN A 117 53.05 -6.84 -26.26
C ASN A 117 53.15 -8.32 -26.57
N TYR A 118 53.36 -8.64 -27.85
CA TYR A 118 53.43 -10.02 -28.32
C TYR A 118 54.80 -10.28 -28.89
N TYR A 119 55.39 -11.42 -28.51
CA TYR A 119 56.71 -11.82 -28.95
C TYR A 119 56.62 -13.18 -29.65
N ASP A 120 57.41 -13.34 -30.71
CA ASP A 120 57.60 -14.65 -31.31
C ASP A 120 58.74 -15.37 -30.56
N GLU A 121 58.98 -16.63 -30.92
CA GLU A 121 60.03 -17.39 -30.26
C GLU A 121 61.41 -16.77 -30.45
N GLU A 122 61.59 -15.99 -31.51
CA GLU A 122 62.89 -15.47 -31.90
C GLU A 122 63.46 -14.48 -30.88
N GLY A 123 63.14 -13.20 -31.02
CA GLY A 123 63.78 -12.16 -30.24
C GLY A 123 62.90 -11.62 -29.11
N SER A 124 63.47 -10.65 -28.39
CA SER A 124 62.82 -10.02 -27.25
C SER A 124 62.20 -8.67 -27.59
N ILE A 125 62.16 -8.30 -28.85
CA ILE A 125 61.49 -7.08 -29.30
C ILE A 125 60.09 -7.44 -29.75
N PRO A 126 59.05 -6.80 -29.21
CA PRO A 126 57.68 -7.21 -29.54
C PRO A 126 57.42 -7.13 -31.04
N ILE A 127 56.56 -8.04 -31.51
CA ILE A 127 56.19 -8.08 -32.92
C ILE A 127 54.84 -7.41 -33.18
N ASP A 128 54.01 -7.25 -32.17
CA ASP A 128 52.76 -6.52 -32.31
C ASP A 128 52.33 -6.08 -30.91
N GLN A 129 51.23 -5.33 -30.87
CA GLN A 129 50.82 -4.73 -29.61
C GLN A 129 49.31 -4.53 -29.65
N ALA A 130 48.63 -5.01 -28.62
CA ALA A 130 47.19 -4.81 -28.45
C ALA A 130 46.97 -3.99 -27.19
N GLY A 131 46.07 -3.02 -27.27
CA GLY A 131 45.85 -2.10 -26.17
C GLY A 131 44.40 -2.00 -25.77
N LEU A 132 44.19 -1.81 -24.47
CA LEU A 132 42.88 -1.53 -23.89
C LEU A 132 42.98 -0.18 -23.20
N PHE A 133 42.16 0.77 -23.64
CA PHE A 133 42.12 2.10 -23.05
C PHE A 133 40.79 2.27 -22.32
N LEU A 134 40.86 2.67 -21.06
CA LEU A 134 39.72 2.58 -20.16
C LEU A 134 39.34 3.97 -19.65
N THR A 135 38.03 4.20 -19.59
CA THR A 135 37.48 5.37 -18.90
C THR A 135 36.54 4.83 -17.82
N ALA A 136 36.93 4.98 -16.57
CA ALA A 136 36.16 4.46 -15.45
C ALA A 136 35.17 5.52 -14.99
N ILE A 137 33.89 5.13 -14.91
N ILE A 137 33.90 5.10 -14.85
CA ILE A 137 32.86 5.99 -14.39
CA ILE A 137 32.82 5.98 -14.44
C ILE A 137 32.10 5.23 -13.32
C ILE A 137 31.95 5.25 -13.43
N GLU A 138 31.49 5.99 -12.42
CA GLU A 138 30.61 5.43 -11.40
C GLU A 138 29.17 5.76 -11.77
N ILE A 139 28.33 4.74 -11.80
CA ILE A 139 26.91 4.88 -12.10
C ILE A 139 26.13 4.10 -11.05
N SER A 140 25.12 4.74 -10.46
CA SER A 140 24.37 4.11 -9.37
C SER A 140 23.04 4.83 -9.23
N LEU A 141 21.96 4.10 -9.48
CA LEU A 141 20.60 4.62 -9.28
C LEU A 141 20.18 4.27 -7.86
N ASP A 142 20.05 5.28 -7.01
CA ASP A 142 19.89 5.08 -5.57
C ASP A 142 18.49 5.43 -5.11
N VAL A 143 17.95 4.62 -4.21
CA VAL A 143 16.66 4.86 -3.58
C VAL A 143 16.79 4.57 -2.08
N ASP A 144 15.75 4.93 -1.34
CA ASP A 144 15.75 4.78 0.12
C ASP A 144 15.21 3.39 0.48
N ALA A 145 15.98 2.37 0.09
CA ALA A 145 15.57 1.00 0.29
C ALA A 145 15.60 0.58 1.75
N ASP A 146 16.35 1.29 2.59
CA ASP A 146 16.39 0.98 4.02
C ASP A 146 15.32 1.74 4.81
N ARG A 147 14.50 2.55 4.14
CA ARG A 147 13.23 3.02 4.70
C ARG A 147 13.44 3.97 5.88
N ASP A 148 14.41 4.87 5.77
CA ASP A 148 14.59 5.90 6.78
C ASP A 148 14.34 7.30 6.23
N GLY A 149 13.85 7.42 4.99
CA GLY A 149 13.58 8.70 4.40
C GLY A 149 14.79 9.45 3.87
N VAL A 150 15.94 8.80 3.79
CA VAL A 150 17.15 9.38 3.21
C VAL A 150 17.72 8.39 2.21
N VAL A 151 18.17 8.89 1.06
CA VAL A 151 18.57 8.04 -0.04
C VAL A 151 20.04 7.66 0.17
N GLU A 152 20.27 6.48 0.74
CA GLU A 152 21.62 6.01 0.95
C GLU A 152 22.29 5.69 -0.37
N LYS A 153 23.61 5.48 -0.33
CA LYS A 153 24.40 5.26 -1.54
C LYS A 153 24.39 3.77 -1.89
N ASN A 154 23.78 3.45 -3.02
CA ASN A 154 23.83 2.12 -3.62
C ASN A 154 23.57 1.01 -2.60
N ASN A 155 22.38 1.05 -2.02
CA ASN A 155 21.96 -0.03 -1.14
C ASN A 155 22.04 -1.35 -1.90
N PRO A 156 22.76 -2.35 -1.40
CA PRO A 156 22.93 -3.59 -2.19
C PRO A 156 21.62 -4.33 -2.43
N LYS A 157 20.61 -4.14 -1.59
CA LYS A 157 19.33 -4.79 -1.77
C LYS A 157 18.30 -3.91 -2.45
N LYS A 158 18.76 -2.86 -3.16
CA LYS A 158 17.84 -1.89 -3.73
C LYS A 158 17.07 -2.42 -4.92
N ALA A 159 17.49 -3.53 -5.51
CA ALA A 159 16.79 -4.14 -6.64
C ALA A 159 15.83 -5.23 -6.22
N SER A 160 15.63 -5.42 -4.92
CA SER A 160 14.66 -6.39 -4.43
C SER A 160 13.81 -5.74 -3.34
N TRP A 161 12.70 -6.39 -3.00
CA TRP A 161 11.78 -5.88 -2.00
C TRP A 161 11.36 -7.02 -1.10
N THR A 162 11.69 -6.92 0.20
CA THR A 162 11.41 -7.97 1.16
C THR A 162 10.66 -7.41 2.36
N TRP A 163 9.72 -8.20 2.87
CA TRP A 163 8.90 -7.81 4.01
C TRP A 163 9.66 -8.01 5.32
N GLY A 164 9.16 -7.35 6.37
CA GLY A 164 9.65 -7.60 7.70
C GLY A 164 10.48 -6.46 8.27
N PRO A 165 10.71 -6.50 9.59
CA PRO A 165 11.57 -5.49 10.21
C PRO A 165 12.99 -5.50 9.67
N GLU A 166 13.47 -6.65 9.21
CA GLU A 166 14.78 -6.76 8.60
C GLU A 166 14.72 -6.67 7.07
N GLY A 167 13.55 -6.43 6.50
CA GLY A 167 13.42 -6.34 5.07
C GLY A 167 13.85 -4.98 4.54
N GLN A 168 13.98 -4.91 3.22
CA GLN A 168 14.39 -3.66 2.58
C GLN A 168 13.76 -3.56 1.20
N GLY A 169 13.81 -2.35 0.65
CA GLY A 169 13.18 -2.02 -0.62
C GLY A 169 12.41 -0.73 -0.50
N ALA A 170 12.54 0.16 -1.48
CA ALA A 170 11.95 1.48 -1.36
C ALA A 170 10.44 1.43 -1.52
N ILE A 171 9.75 2.37 -0.88
CA ILE A 171 8.30 2.40 -0.87
C ILE A 171 7.81 3.63 -1.60
N LEU A 172 6.68 3.48 -2.28
CA LEU A 172 6.15 4.50 -3.16
C LEU A 172 4.68 4.72 -2.85
N LEU A 173 4.27 5.98 -2.75
CA LEU A 173 2.87 6.31 -2.50
C LEU A 173 2.13 6.51 -3.82
N VAL A 174 0.85 6.15 -3.80
CA VAL A 174 -0.06 6.57 -4.88
C VAL A 174 -0.40 8.04 -4.64
N ASN A 175 -0.03 8.90 -5.59
CA ASN A 175 -0.19 10.34 -5.43
C ASN A 175 -1.62 10.73 -5.78
N CYS A 176 -2.54 10.33 -4.90
CA CYS A 176 -3.97 10.45 -5.15
C CYS A 176 -4.63 11.56 -4.33
N ASP A 177 -3.85 12.45 -3.73
CA ASP A 177 -4.44 13.65 -3.15
C ASP A 177 -4.51 14.73 -4.24
N ARG A 178 -4.75 15.99 -3.84
CA ARG A 178 -4.85 17.09 -4.79
C ARG A 178 -4.20 18.33 -4.20
N GLU A 179 -3.05 18.73 -4.75
CA GLU A 179 -2.32 19.88 -4.23
C GLU A 179 -2.97 21.21 -4.62
N THR A 180 -3.63 21.28 -5.78
CA THR A 180 -4.25 22.50 -6.25
C THR A 180 -5.71 22.22 -6.62
N PRO A 181 -6.67 23.04 -6.15
CA PRO A 181 -8.08 22.77 -6.42
C PRO A 181 -8.51 23.08 -7.84
N TRP A 182 -7.69 23.79 -8.62
CA TRP A 182 -8.06 24.16 -9.98
C TRP A 182 -8.47 22.93 -10.79
N LEU A 183 -7.59 21.94 -10.87
CA LEU A 183 -7.93 20.72 -11.57
C LEU A 183 -8.78 19.81 -10.69
N PRO A 184 -9.66 18.99 -11.29
CA PRO A 184 -10.66 18.26 -10.50
C PRO A 184 -10.19 16.91 -9.96
N LYS A 185 -9.26 16.27 -10.65
CA LYS A 185 -8.84 14.91 -10.31
C LYS A 185 -7.55 14.92 -9.52
N GLU A 186 -7.24 13.78 -8.91
CA GLU A 186 -6.05 13.67 -8.07
C GLU A 186 -4.78 13.96 -8.90
N ASP A 187 -3.67 14.14 -8.18
CA ASP A 187 -2.44 14.60 -8.84
C ASP A 187 -1.93 13.58 -9.85
N CYS A 188 -2.04 12.29 -9.54
CA CYS A 188 -1.46 11.27 -10.41
C CYS A 188 -2.27 11.04 -11.68
N ARG A 189 -3.41 11.70 -11.86
CA ARG A 189 -4.20 11.48 -13.06
C ARG A 189 -3.55 12.04 -14.31
N ASP A 190 -2.62 12.98 -14.16
CA ASP A 190 -1.93 13.60 -15.28
C ASP A 190 -0.45 13.29 -15.21
N GLU A 191 0.31 13.84 -16.17
CA GLU A 191 1.76 13.76 -16.19
C GLU A 191 2.36 15.12 -15.92
N LYS A 192 1.75 15.87 -15.01
CA LYS A 192 2.19 17.21 -14.65
C LYS A 192 2.38 17.30 -13.15
N VAL A 193 3.29 18.19 -12.74
CA VAL A 193 3.43 18.62 -11.36
C VAL A 193 3.32 20.13 -11.36
N TYR A 194 2.33 20.67 -10.68
CA TYR A 194 2.11 22.11 -10.65
C TYR A 194 2.66 22.77 -9.40
N SER A 195 2.71 22.07 -8.27
CA SER A 195 3.18 22.62 -7.01
C SER A 195 4.36 21.80 -6.51
N LYS A 196 5.38 22.48 -6.00
CA LYS A 196 6.52 21.76 -5.43
C LYS A 196 6.14 21.04 -4.15
N GLU A 197 5.02 21.41 -3.53
CA GLU A 197 4.50 20.62 -2.41
C GLU A 197 4.11 19.22 -2.84
N ASP A 198 3.81 19.04 -4.13
CA ASP A 198 3.51 17.71 -4.66
C ASP A 198 4.70 16.77 -4.51
N LEU A 199 5.92 17.32 -4.51
CA LEU A 199 7.11 16.49 -4.42
C LEU A 199 7.23 15.81 -3.06
N LYS A 200 6.64 16.40 -2.02
CA LYS A 200 6.68 15.78 -0.70
C LYS A 200 5.98 14.42 -0.68
N ASP A 201 5.04 14.19 -1.60
CA ASP A 201 4.35 12.91 -1.70
C ASP A 201 5.14 11.86 -2.44
N MET A 202 6.19 12.26 -3.17
CA MET A 202 6.89 11.36 -4.06
C MET A 202 8.15 10.81 -3.38
N SER A 203 8.61 9.68 -3.90
CA SER A 203 9.85 9.09 -3.42
C SER A 203 11.02 9.63 -4.24
N GLN A 204 12.14 9.88 -3.57
CA GLN A 204 13.31 10.41 -4.24
C GLN A 204 14.15 9.29 -4.81
N MET A 205 14.65 9.50 -6.02
CA MET A 205 15.52 8.57 -6.72
C MET A 205 16.66 9.40 -7.31
N ILE A 206 17.89 9.10 -6.89
CA ILE A 206 19.05 9.89 -7.25
C ILE A 206 19.94 9.08 -8.17
N LEU A 207 20.26 9.63 -9.33
CA LEU A 207 21.26 9.06 -10.22
C LEU A 207 22.61 9.65 -9.84
N ARG A 208 23.45 8.86 -9.18
CA ARG A 208 24.77 9.30 -8.73
C ARG A 208 25.82 8.81 -9.72
N THR A 209 26.67 9.72 -10.17
CA THR A 209 27.69 9.40 -11.15
C THR A 209 28.97 10.13 -10.79
N LYS A 210 30.09 9.53 -11.21
N LYS A 210 30.09 9.55 -11.22
CA LYS A 210 31.40 10.16 -11.08
CA LYS A 210 31.40 10.17 -11.08
C LYS A 210 32.21 9.78 -12.30
C LYS A 210 32.24 9.77 -12.28
N GLY A 211 32.85 10.76 -12.92
CA GLY A 211 33.64 10.53 -14.10
C GLY A 211 34.16 11.81 -14.71
N PRO A 212 34.73 11.72 -15.90
CA PRO A 212 35.35 12.88 -16.54
C PRO A 212 34.29 13.84 -17.09
N ASP A 213 34.78 14.91 -17.73
CA ASP A 213 33.88 15.96 -18.20
C ASP A 213 32.80 15.41 -19.12
N ARG A 214 33.15 14.42 -19.94
CA ARG A 214 32.23 13.87 -20.91
C ARG A 214 32.36 12.36 -20.93
N LEU A 215 31.29 11.70 -21.36
CA LEU A 215 31.40 10.31 -21.72
C LEU A 215 32.18 10.19 -23.03
N PRO A 216 33.00 9.15 -23.19
CA PRO A 216 33.66 8.95 -24.48
C PRO A 216 32.64 8.88 -25.60
N ALA A 217 33.11 9.15 -26.82
CA ALA A 217 32.22 9.07 -27.97
C ALA A 217 31.53 7.71 -28.04
N GLY A 218 30.24 7.73 -28.34
CA GLY A 218 29.49 6.51 -28.54
C GLY A 218 28.78 5.94 -27.33
N TYR A 219 28.68 6.69 -26.24
CA TYR A 219 27.99 6.22 -25.05
C TYR A 219 26.92 7.22 -24.63
N GLU A 220 25.87 6.72 -23.99
CA GLU A 220 24.86 7.56 -23.39
C GLU A 220 24.21 6.80 -22.25
N ILE A 221 23.70 7.54 -21.26
CA ILE A 221 23.03 6.98 -20.11
C ILE A 221 21.52 7.19 -20.26
N VAL A 222 20.76 6.12 -20.07
CA VAL A 222 19.32 6.13 -20.32
C VAL A 222 18.59 5.56 -19.11
N LEU A 223 17.58 6.28 -18.64
CA LEU A 223 16.62 5.77 -17.69
C LEU A 223 15.43 5.19 -18.43
N TYR A 224 14.92 4.04 -17.97
CA TYR A 224 13.79 3.47 -18.67
C TYR A 224 12.95 2.61 -17.74
N ILE A 225 11.72 2.37 -18.17
CA ILE A 225 10.75 1.51 -17.51
C ILE A 225 10.12 0.61 -18.56
N SER A 226 9.48 -0.46 -18.10
CA SER A 226 8.72 -1.30 -19.01
C SER A 226 7.42 -0.61 -19.40
N MET A 227 6.87 -1.02 -20.55
CA MET A 227 5.55 -0.54 -20.93
C MET A 227 4.53 -0.86 -19.86
N SER A 228 4.64 -2.05 -19.24
CA SER A 228 3.66 -2.44 -18.24
C SER A 228 3.64 -1.46 -17.07
N ASP A 229 4.82 -1.06 -16.59
CA ASP A 229 4.92 -0.13 -15.47
C ASP A 229 4.61 1.31 -15.86
N SER A 230 4.33 1.58 -17.14
CA SER A 230 4.20 2.96 -17.59
C SER A 230 2.93 3.63 -17.08
N ASP A 231 1.92 2.87 -16.66
CA ASP A 231 0.75 3.45 -16.01
C ASP A 231 0.78 3.25 -14.50
N LYS A 232 1.92 2.86 -13.95
CA LYS A 232 2.10 2.61 -12.52
C LYS A 232 2.94 3.67 -11.83
N VAL A 233 3.81 4.37 -12.54
CA VAL A 233 4.71 5.35 -11.96
C VAL A 233 4.75 6.61 -12.80
N GLY A 234 5.08 7.72 -12.16
CA GLY A 234 5.52 8.92 -12.85
C GLY A 234 6.84 9.35 -12.27
N VAL A 235 7.75 9.78 -13.14
CA VAL A 235 9.09 10.19 -12.73
C VAL A 235 9.31 11.61 -13.22
N PHE A 236 9.68 12.49 -12.29
CA PHE A 236 9.84 13.91 -12.58
C PHE A 236 11.23 14.39 -12.19
N TYR A 237 11.64 15.47 -12.85
CA TYR A 237 12.91 16.13 -12.63
C TYR A 237 12.64 17.62 -12.43
N VAL A 238 13.30 18.24 -11.45
CA VAL A 238 13.13 19.65 -11.18
C VAL A 238 14.17 20.43 -11.98
N GLU A 239 13.71 21.30 -12.87
N GLU A 239 13.71 21.29 -12.87
CA GLU A 239 14.57 22.15 -13.67
CA GLU A 239 14.59 22.15 -13.66
C GLU A 239 14.62 23.56 -13.08
C GLU A 239 14.62 23.55 -13.08
N ASN A 240 15.81 24.16 -13.09
CA ASN A 240 16.01 25.50 -12.59
C ASN A 240 15.49 25.66 -11.16
N PRO A 241 16.00 24.87 -10.21
CA PRO A 241 15.46 24.95 -8.84
C PRO A 241 15.77 26.27 -8.15
N PHE A 242 16.81 26.98 -8.55
CA PHE A 242 17.26 28.18 -7.86
C PHE A 242 16.54 29.46 -8.32
N PHE A 243 15.63 29.36 -9.29
CA PHE A 243 14.82 30.50 -9.71
C PHE A 243 13.35 30.11 -9.79
N GLY A 244 12.71 30.36 -10.92
CA GLY A 244 11.35 29.87 -11.15
C GLY A 244 11.34 28.39 -11.45
N GLN A 245 10.76 27.59 -10.55
CA GLN A 245 10.90 26.15 -10.62
C GLN A 245 9.93 25.53 -11.62
N ARG A 246 10.42 24.52 -12.36
CA ARG A 246 9.63 23.75 -13.30
C ARG A 246 9.94 22.27 -13.11
N TYR A 247 8.96 21.43 -13.40
CA TYR A 247 9.02 20.00 -13.10
C TYR A 247 8.73 19.20 -14.37
N ILE A 248 9.70 18.40 -14.81
N ILE A 248 9.71 18.41 -14.82
CA ILE A 248 9.65 17.74 -16.10
CA ILE A 248 9.64 17.74 -16.11
C ILE A 248 9.30 16.27 -15.91
C ILE A 248 9.30 16.27 -15.90
N HIS A 249 8.29 15.80 -16.63
CA HIS A 249 7.88 14.40 -16.61
C HIS A 249 8.76 13.62 -17.58
N ILE A 250 9.59 12.72 -17.05
CA ILE A 250 10.58 12.04 -17.87
C ILE A 250 10.30 10.55 -18.05
N LEU A 251 9.48 9.94 -17.19
CA LEU A 251 9.11 8.54 -17.33
C LEU A 251 7.70 8.35 -16.82
N GLY A 252 6.99 7.41 -17.42
CA GLY A 252 5.62 7.14 -17.05
C GLY A 252 4.72 6.98 -18.25
N ARG A 253 3.49 7.49 -18.18
CA ARG A 253 2.54 7.29 -19.26
C ARG A 253 3.12 7.77 -20.58
N ARG A 254 3.31 6.82 -21.50
CA ARG A 254 3.77 7.13 -22.85
C ARG A 254 5.19 7.66 -22.91
N LYS A 255 5.97 7.52 -21.83
CA LYS A 255 7.39 7.85 -21.83
C LYS A 255 8.14 6.68 -21.19
N LEU A 256 8.68 5.79 -22.02
CA LEU A 256 9.31 4.58 -21.51
C LEU A 256 10.78 4.73 -21.21
N TYR A 257 11.44 5.73 -21.80
CA TYR A 257 12.86 5.90 -21.57
C TYR A 257 13.19 7.38 -21.60
N HIS A 258 14.37 7.72 -21.09
CA HIS A 258 14.80 9.11 -21.08
C HIS A 258 16.32 9.16 -21.10
N VAL A 259 16.87 9.82 -22.11
CA VAL A 259 18.31 9.98 -22.23
C VAL A 259 18.77 11.02 -21.20
N VAL A 260 19.65 10.61 -20.31
CA VAL A 260 20.14 11.50 -19.25
C VAL A 260 21.25 12.37 -19.79
N LYS A 261 21.18 13.67 -19.52
CA LYS A 261 22.29 14.56 -19.79
C LYS A 261 23.40 14.29 -18.77
N TYR A 262 24.55 13.84 -19.25
CA TYR A 262 25.65 13.47 -18.36
C TYR A 262 26.43 14.70 -17.91
N THR A 263 26.71 14.77 -16.61
CA THR A 263 27.54 15.83 -16.03
C THR A 263 28.81 15.20 -15.47
N GLY A 264 29.95 15.81 -15.76
CA GLY A 264 31.23 15.29 -15.34
C GLY A 264 31.45 15.41 -13.84
N GLY A 265 32.59 14.87 -13.39
CA GLY A 265 32.91 14.90 -11.98
C GLY A 265 31.86 14.15 -11.17
N SER A 266 31.79 14.50 -9.89
CA SER A 266 30.79 13.95 -8.99
C SER A 266 29.47 14.66 -9.22
N ALA A 267 28.48 13.93 -9.72
CA ALA A 267 27.19 14.52 -10.03
C ALA A 267 26.08 13.66 -9.45
N GLU A 268 25.02 14.33 -8.99
CA GLU A 268 23.82 13.66 -8.55
C GLU A 268 22.65 14.27 -9.32
N LEU A 269 21.82 13.41 -9.90
CA LEU A 269 20.58 13.82 -10.53
C LEU A 269 19.42 13.34 -9.65
N LEU A 270 18.65 14.29 -9.14
CA LEU A 270 17.54 14.02 -8.24
C LEU A 270 16.26 13.86 -9.04
N PHE A 271 15.60 12.71 -8.89
CA PHE A 271 14.32 12.45 -9.51
C PHE A 271 13.27 12.22 -8.43
N PHE A 272 12.02 12.57 -8.74
CA PHE A 272 10.89 12.33 -7.86
C PHE A 272 9.94 11.36 -8.56
N VAL A 273 9.54 10.32 -7.82
CA VAL A 273 8.75 9.22 -8.36
C VAL A 273 7.40 9.22 -7.65
N GLU A 274 6.32 9.16 -8.43
CA GLU A 274 4.97 9.06 -7.88
C GLU A 274 4.33 7.76 -8.33
N GLY A 275 3.59 7.14 -7.42
CA GLY A 275 2.77 5.99 -7.78
C GLY A 275 1.45 6.45 -8.38
N LEU A 276 0.99 5.70 -9.39
CA LEU A 276 -0.26 6.01 -10.07
C LEU A 276 -1.34 4.97 -9.84
N CYS A 277 -1.03 3.85 -9.22
CA CYS A 277 -1.93 2.70 -9.22
C CYS A 277 -1.72 1.88 -7.96
N PHE A 278 -2.82 1.56 -7.26
CA PHE A 278 -2.72 0.68 -6.11
C PHE A 278 -2.50 -0.76 -6.57
N PRO A 279 -1.97 -1.61 -5.69
CA PRO A 279 -1.97 -3.04 -5.98
C PRO A 279 -3.39 -3.52 -6.27
N ASP A 280 -3.50 -4.48 -7.18
CA ASP A 280 -4.79 -4.98 -7.61
CA ASP A 280 -4.81 -5.02 -7.54
C ASP A 280 -4.60 -6.39 -8.15
N GLU A 281 -5.69 -6.97 -8.65
CA GLU A 281 -5.57 -8.23 -9.37
C GLU A 281 -4.59 -8.06 -10.52
N GLY A 282 -3.55 -8.89 -10.55
CA GLY A 282 -2.58 -8.81 -11.63
C GLY A 282 -1.56 -7.69 -11.53
N PHE A 283 -1.59 -6.87 -10.49
CA PHE A 283 -0.53 -5.90 -10.21
C PHE A 283 -0.13 -6.04 -8.74
N SER A 284 1.07 -6.55 -8.50
CA SER A 284 1.50 -6.88 -7.15
C SER A 284 1.91 -5.68 -6.31
N GLY A 285 2.06 -4.50 -6.92
CA GLY A 285 2.57 -3.33 -6.24
C GLY A 285 4.03 -3.05 -6.50
N LEU A 286 4.75 -3.96 -7.16
CA LEU A 286 6.18 -3.79 -7.40
C LEU A 286 6.42 -3.17 -8.77
N VAL A 287 7.23 -2.11 -8.81
CA VAL A 287 7.60 -1.45 -10.05
C VAL A 287 9.12 -1.28 -10.08
N SER A 288 9.69 -1.36 -11.28
CA SER A 288 11.13 -1.29 -11.48
C SER A 288 11.48 -0.08 -12.35
N ILE A 289 12.54 0.62 -11.97
CA ILE A 289 13.13 1.66 -12.80
C ILE A 289 14.58 1.30 -13.04
N HIS A 290 15.04 1.50 -14.27
CA HIS A 290 16.36 1.07 -14.69
C HIS A 290 17.16 2.26 -15.19
N VAL A 291 18.48 2.15 -15.07
CA VAL A 291 19.41 3.03 -15.76
C VAL A 291 20.40 2.14 -16.50
N SER A 292 20.64 2.45 -17.76
CA SER A 292 21.59 1.70 -18.56
C SER A 292 22.62 2.64 -19.17
N LEU A 293 23.86 2.19 -19.21
CA LEU A 293 24.87 2.79 -20.07
C LEU A 293 24.81 2.07 -21.41
N LEU A 294 24.50 2.80 -22.47
CA LEU A 294 24.33 2.25 -23.80
C LEU A 294 25.53 2.58 -24.68
N GLU A 295 25.94 1.62 -25.50
CA GLU A 295 27.04 1.81 -26.44
C GLU A 295 26.51 1.86 -27.86
N TYR A 296 26.91 2.89 -28.60
CA TYR A 296 26.55 3.03 -30.01
C TYR A 296 27.43 2.11 -30.84
N MET A 297 26.81 1.12 -31.49
CA MET A 297 27.51 0.16 -32.32
C MET A 297 27.59 0.63 -33.78
N ALA A 298 26.48 1.11 -34.32
CA ALA A 298 26.43 1.61 -35.69
C ALA A 298 24.99 2.00 -35.99
N GLN A 299 24.81 2.67 -37.13
CA GLN A 299 23.47 2.98 -37.61
C GLN A 299 22.75 1.69 -38.00
N ASP A 300 21.48 1.59 -37.61
CA ASP A 300 20.59 0.47 -37.87
C ASP A 300 20.79 -0.65 -36.83
N ILE A 301 21.82 -0.58 -35.99
CA ILE A 301 22.02 -1.55 -34.92
C ILE A 301 21.47 -0.98 -33.61
N PRO A 302 20.86 -1.80 -32.77
CA PRO A 302 20.44 -1.29 -31.46
C PRO A 302 21.65 -1.02 -30.57
N LEU A 303 21.52 -0.01 -29.73
CA LEU A 303 22.58 0.31 -28.79
C LEU A 303 22.72 -0.80 -27.76
N THR A 304 23.96 -1.14 -27.42
CA THR A 304 24.19 -2.26 -26.51
C THR A 304 24.16 -1.78 -25.06
N PRO A 305 23.37 -2.41 -24.20
CA PRO A 305 23.44 -2.09 -22.77
C PRO A 305 24.66 -2.75 -22.15
N ILE A 306 25.74 -1.99 -21.95
CA ILE A 306 26.94 -2.58 -21.36
C ILE A 306 26.93 -2.54 -19.84
N PHE A 307 26.01 -1.78 -19.24
CA PHE A 307 25.84 -1.75 -17.79
C PHE A 307 24.41 -1.34 -17.49
N THR A 308 23.79 -2.04 -16.53
CA THR A 308 22.42 -1.75 -16.12
C THR A 308 22.31 -1.80 -14.61
N ASP A 309 21.79 -0.73 -14.03
CA ASP A 309 21.45 -0.67 -12.61
C ASP A 309 19.94 -0.58 -12.48
N THR A 310 19.39 -1.23 -11.44
CA THR A 310 17.95 -1.37 -11.26
C THR A 310 17.56 -1.05 -9.82
N VAL A 311 16.45 -0.34 -9.66
CA VAL A 311 15.83 -0.12 -8.37
C VAL A 311 14.38 -0.56 -8.47
N ILE A 312 13.85 -1.07 -7.35
CA ILE A 312 12.47 -1.50 -7.27
C ILE A 312 11.75 -0.68 -6.21
N PHE A 313 10.48 -0.38 -6.47
CA PHE A 313 9.61 0.27 -5.50
C PHE A 313 8.42 -0.66 -5.25
N ARG A 314 7.94 -0.68 -4.02
CA ARG A 314 6.63 -1.25 -3.73
C ARG A 314 5.65 -0.11 -3.51
N ILE A 315 4.57 -0.11 -4.27
CA ILE A 315 3.52 0.88 -4.07
C ILE A 315 2.76 0.54 -2.79
N ALA A 316 2.58 1.54 -1.95
CA ALA A 316 1.99 1.31 -0.63
C ALA A 316 0.54 0.90 -0.76
N PRO A 317 0.09 -0.10 0.00
CA PRO A 317 -1.31 -0.52 -0.09
C PRO A 317 -2.25 0.43 0.64
N TRP A 318 -3.52 0.33 0.28
CA TRP A 318 -4.57 1.07 0.98
C TRP A 318 -4.96 0.32 2.24
N ILE A 319 -4.92 1.01 3.39
CA ILE A 319 -5.14 0.37 4.67
C ILE A 319 -6.37 0.97 5.34
N MET A 320 -7.23 0.10 5.88
CA MET A 320 -8.42 0.52 6.60
C MET A 320 -8.14 0.59 8.10
N THR A 321 -8.90 1.43 8.80
CA THR A 321 -8.65 1.71 10.21
C THR A 321 -9.76 1.16 11.07
N PRO A 322 -9.47 0.22 11.97
CA PRO A 322 -10.52 -0.31 12.86
C PRO A 322 -10.90 0.70 13.92
N ASN A 323 -12.03 0.41 14.59
CA ASN A 323 -12.62 1.30 15.58
C ASN A 323 -11.75 1.48 16.81
N ILE A 324 -10.74 0.62 17.01
CA ILE A 324 -9.86 0.78 18.18
C ILE A 324 -8.83 1.89 17.97
N LEU A 325 -8.73 2.46 16.77
CA LEU A 325 -7.73 3.50 16.55
C LEU A 325 -8.29 4.86 16.98
N PRO A 326 -7.45 5.71 17.57
CA PRO A 326 -7.93 6.99 18.12
C PRO A 326 -8.63 7.81 17.05
N PRO A 327 -9.80 8.36 17.34
CA PRO A 327 -10.50 9.16 16.33
C PRO A 327 -9.89 10.55 16.21
N VAL A 328 -9.78 11.01 14.97
CA VAL A 328 -9.30 12.37 14.68
C VAL A 328 -10.47 13.31 14.45
N SER A 329 -11.37 12.94 13.54
CA SER A 329 -12.51 13.79 13.21
C SER A 329 -13.64 12.90 12.73
N VAL A 330 -14.86 13.33 13.01
CA VAL A 330 -16.06 12.58 12.69
C VAL A 330 -16.76 13.27 11.52
N PHE A 331 -17.03 12.52 10.46
CA PHE A 331 -17.77 13.02 9.31
C PHE A 331 -19.22 12.57 9.43
N VAL A 332 -20.14 13.51 9.28
CA VAL A 332 -21.56 13.26 9.48
C VAL A 332 -22.33 13.76 8.28
N CYS A 333 -23.18 12.91 7.71
CA CYS A 333 -24.11 13.28 6.66
C CYS A 333 -25.53 13.11 7.17
N CYS A 334 -26.38 14.08 6.89
CA CYS A 334 -27.79 14.01 7.27
C CYS A 334 -28.48 15.22 6.66
N MET A 335 -29.77 15.35 6.95
CA MET A 335 -30.55 16.48 6.47
C MET A 335 -30.41 17.67 7.42
N LYS A 336 -30.77 18.84 6.90
CA LYS A 336 -30.50 20.09 7.61
C LYS A 336 -31.39 20.27 8.83
N ASP A 337 -32.54 19.58 8.90
CA ASP A 337 -33.47 19.73 10.00
C ASP A 337 -33.45 18.56 10.97
N ASN A 338 -32.50 17.64 10.82
CA ASN A 338 -32.33 16.54 11.76
C ASN A 338 -31.58 17.09 12.98
N TYR A 339 -32.31 17.84 13.80
CA TYR A 339 -31.70 18.58 14.90
C TYR A 339 -31.29 17.66 16.05
N LEU A 340 -32.17 16.73 16.43
CA LEU A 340 -31.83 15.81 17.52
C LEU A 340 -30.56 15.03 17.20
N PHE A 341 -30.46 14.51 15.98
CA PHE A 341 -29.27 13.76 15.58
C PHE A 341 -28.03 14.64 15.65
N LEU A 342 -28.09 15.83 15.05
CA LEU A 342 -26.94 16.72 15.06
C LEU A 342 -26.54 17.10 16.49
N LYS A 343 -27.51 17.48 17.31
CA LYS A 343 -27.20 17.87 18.68
C LYS A 343 -26.50 16.76 19.44
N GLU A 344 -27.05 15.54 19.37
CA GLU A 344 -26.49 14.43 20.14
C GLU A 344 -25.14 13.98 19.58
N VAL A 345 -24.94 14.06 18.27
CA VAL A 345 -23.63 13.76 17.72
C VAL A 345 -22.63 14.84 18.10
N LYS A 346 -23.08 16.10 18.13
CA LYS A 346 -22.21 17.18 18.60
C LYS A 346 -21.85 17.00 20.06
N ASN A 347 -22.86 16.74 20.91
CA ASN A 347 -22.60 16.46 22.32
C ASN A 347 -21.61 15.30 22.46
N LEU A 348 -21.81 14.23 21.70
CA LEU A 348 -20.93 13.08 21.80
C LEU A 348 -19.49 13.45 21.42
N VAL A 349 -19.32 14.15 20.31
CA VAL A 349 -17.97 14.51 19.86
C VAL A 349 -17.31 15.50 20.81
N GLU A 350 -18.09 16.26 21.58
CA GLU A 350 -17.52 17.21 22.54
C GLU A 350 -17.02 16.54 23.81
N LYS A 351 -17.50 15.32 24.12
CA LYS A 351 -16.84 14.53 25.15
C LYS A 351 -15.45 14.10 24.75
N THR A 352 -15.10 14.22 23.47
CA THR A 352 -13.83 13.79 22.93
C THR A 352 -13.06 14.99 22.41
N ASN A 353 -11.86 14.71 21.88
CA ASN A 353 -10.99 15.72 21.32
C ASN A 353 -11.14 15.84 19.81
N CYS A 354 -12.19 15.26 19.24
CA CYS A 354 -12.32 15.13 17.80
C CYS A 354 -12.97 16.36 17.18
N GLU A 355 -12.65 16.60 15.92
CA GLU A 355 -13.36 17.58 15.12
C GLU A 355 -14.63 16.96 14.56
N LEU A 356 -15.63 17.80 14.31
CA LEU A 356 -16.86 17.39 13.67
C LEU A 356 -16.99 18.11 12.33
N LYS A 357 -17.28 17.34 11.28
CA LYS A 357 -17.50 17.89 9.95
C LYS A 357 -18.86 17.38 9.45
N VAL A 358 -19.73 18.29 9.06
CA VAL A 358 -21.11 17.97 8.69
C VAL A 358 -21.31 18.26 7.21
N CYS A 359 -22.09 17.39 6.55
CA CYS A 359 -22.51 17.59 5.18
C CYS A 359 -24.03 17.46 5.12
N PHE A 360 -24.67 18.41 4.45
CA PHE A 360 -26.13 18.41 4.35
C PHE A 360 -26.60 17.98 2.96
N ASP A 367 -28.32 8.18 1.34
CA ASP A 367 -28.68 8.74 2.64
C ASP A 367 -27.60 8.42 3.67
N ARG A 368 -27.14 7.17 3.67
CA ARG A 368 -26.00 6.75 4.48
C ARG A 368 -24.71 6.75 3.68
N TRP A 369 -24.67 7.48 2.55
CA TRP A 369 -23.53 7.43 1.65
C TRP A 369 -22.21 7.68 2.38
N ILE A 370 -22.23 8.48 3.46
CA ILE A 370 -21.00 8.74 4.19
C ILE A 370 -20.50 7.51 4.94
N GLN A 371 -21.32 6.47 5.05
CA GLN A 371 -20.92 5.22 5.67
C GLN A 371 -20.95 4.03 4.72
N ASP A 372 -21.85 4.02 3.73
CA ASP A 372 -21.93 2.92 2.79
C ASP A 372 -21.21 3.20 1.46
N GLU A 373 -21.02 4.47 1.10
CA GLU A 373 -20.35 4.82 -0.14
C GLU A 373 -18.93 5.32 0.03
N ILE A 374 -18.55 5.72 1.24
CA ILE A 374 -17.25 6.31 1.53
C ILE A 374 -16.59 5.51 2.64
N GLU A 375 -15.26 5.43 2.58
CA GLU A 375 -14.49 4.72 3.59
C GLU A 375 -13.13 5.40 3.75
N PHE A 376 -12.78 5.76 4.97
CA PHE A 376 -11.52 6.42 5.25
C PHE A 376 -10.45 5.38 5.55
N GLY A 377 -9.44 5.30 4.69
CA GLY A 377 -8.28 4.50 5.00
C GLY A 377 -7.06 5.39 5.01
N TYR A 378 -5.87 4.83 4.82
CA TYR A 378 -4.69 5.66 4.71
C TYR A 378 -3.62 4.91 3.94
N ILE A 379 -2.62 5.65 3.53
CA ILE A 379 -1.40 5.10 2.93
C ILE A 379 -0.23 5.68 3.71
N GLU A 380 0.88 4.95 3.72
CA GLU A 380 2.06 5.44 4.43
C GLU A 380 3.31 4.93 3.75
N ALA A 381 4.28 5.82 3.62
CA ALA A 381 5.64 5.47 3.26
C ALA A 381 6.54 5.92 4.40
N PRO A 382 7.83 5.56 4.41
CA PRO A 382 8.68 6.03 5.51
C PRO A 382 8.81 7.54 5.56
N HIS A 383 8.66 8.21 4.42
CA HIS A 383 8.80 9.66 4.34
C HIS A 383 7.47 10.40 4.48
N LYS A 384 6.34 9.75 4.17
CA LYS A 384 5.09 10.47 4.10
C LYS A 384 3.92 9.51 4.17
N GLY A 385 2.79 10.03 4.60
CA GLY A 385 1.53 9.31 4.60
C GLY A 385 0.40 10.26 4.87
N PHE A 386 -0.79 9.87 4.44
CA PHE A 386 -1.96 10.70 4.65
C PHE A 386 -3.20 9.85 4.50
N PRO A 387 -4.36 10.37 4.89
CA PRO A 387 -5.61 9.60 4.71
C PRO A 387 -5.98 9.51 3.25
N VAL A 388 -6.60 8.38 2.89
CA VAL A 388 -7.12 8.16 1.55
C VAL A 388 -8.52 7.59 1.69
N VAL A 389 -9.49 8.26 1.09
CA VAL A 389 -10.88 7.81 1.10
C VAL A 389 -11.18 7.17 -0.25
N LEU A 390 -11.76 5.98 -0.21
CA LEU A 390 -12.28 5.33 -1.41
C LEU A 390 -13.77 5.63 -1.52
N ASP A 391 -14.21 6.01 -2.72
CA ASP A 391 -15.60 6.36 -2.97
C ASP A 391 -16.17 5.38 -3.99
N SER A 392 -17.26 4.71 -3.63
CA SER A 392 -17.98 3.81 -4.53
C SER A 392 -19.44 4.27 -4.62
N PRO A 393 -19.77 5.12 -5.59
CA PRO A 393 -21.17 5.55 -5.73
C PRO A 393 -22.06 4.40 -6.17
N ARG A 394 -23.34 4.50 -5.81
CA ARG A 394 -24.30 3.43 -6.11
C ARG A 394 -25.12 3.72 -7.37
N PHE A 401 -20.28 12.61 -7.81
CA PHE A 401 -19.38 13.74 -7.63
C PHE A 401 -18.53 13.55 -6.37
N PRO A 402 -17.25 13.88 -6.46
CA PRO A 402 -16.35 13.70 -5.31
C PRO A 402 -16.75 14.64 -4.18
N VAL A 403 -17.02 14.08 -3.01
CA VAL A 403 -17.36 14.88 -1.84
C VAL A 403 -16.33 16.00 -1.71
N LYS A 404 -16.80 17.26 -1.78
CA LYS A 404 -15.89 18.39 -1.84
C LYS A 404 -15.16 18.61 -0.52
N GLU A 405 -15.81 18.32 0.61
CA GLU A 405 -15.18 18.46 1.91
C GLU A 405 -14.23 17.31 2.20
N LEU A 406 -13.67 16.69 1.16
CA LEU A 406 -12.78 15.54 1.34
C LEU A 406 -11.47 15.67 0.57
N LEU A 407 -11.52 15.61 -0.76
CA LEU A 407 -10.28 15.66 -1.53
C LEU A 407 -9.59 17.01 -1.36
N GLY A 408 -8.26 16.99 -1.34
CA GLY A 408 -7.46 18.17 -1.08
C GLY A 408 -6.05 17.81 -0.68
N PRO A 409 -5.33 18.77 -0.09
CA PRO A 409 -3.92 18.53 0.27
C PRO A 409 -3.81 17.51 1.40
N ASP A 410 -2.96 16.49 1.17
CA ASP A 410 -2.75 15.41 2.13
C ASP A 410 -4.05 14.72 2.53
N PHE A 411 -5.00 14.67 1.60
CA PHE A 411 -6.20 13.87 1.76
C PHE A 411 -6.47 13.22 0.41
N GLY A 412 -6.25 11.91 0.33
CA GLY A 412 -6.42 11.21 -0.92
C GLY A 412 -7.87 10.85 -1.17
N TYR A 413 -8.24 10.80 -2.45
CA TYR A 413 -9.60 10.46 -2.85
C TYR A 413 -9.54 9.59 -4.08
N VAL A 414 -10.04 8.36 -3.98
CA VAL A 414 -10.05 7.41 -5.09
C VAL A 414 -11.48 6.96 -5.32
N THR A 415 -11.99 7.20 -6.52
CA THR A 415 -13.33 6.81 -6.90
C THR A 415 -13.31 5.50 -7.68
N ARG A 416 -14.40 4.75 -7.56
CA ARG A 416 -14.53 3.49 -8.29
C ARG A 416 -14.80 3.75 -9.76
N GLU A 417 -14.24 2.90 -10.62
CA GLU A 417 -14.53 3.01 -12.04
C GLU A 417 -15.88 2.35 -12.34
N PRO A 418 -16.81 3.05 -12.99
CA PRO A 418 -18.18 2.55 -13.10
C PRO A 418 -18.26 1.23 -13.88
N LEU A 419 -19.28 0.45 -13.55
CA LEU A 419 -19.58 -0.80 -14.26
C LEU A 419 -18.34 -1.66 -14.47
N VAL A 423 -24.00 -4.46 -9.72
CA VAL A 423 -23.63 -4.81 -8.36
C VAL A 423 -24.87 -4.99 -7.48
N THR A 424 -24.72 -5.78 -6.43
CA THR A 424 -25.77 -5.97 -5.45
C THR A 424 -25.48 -5.17 -4.19
N SER A 425 -26.47 -5.16 -3.28
CA SER A 425 -26.34 -4.43 -2.04
C SER A 425 -25.11 -4.83 -1.23
N LEU A 426 -24.51 -6.00 -1.52
CA LEU A 426 -23.33 -6.41 -0.80
C LEU A 426 -22.11 -5.58 -1.20
N ASP A 427 -22.15 -4.93 -2.35
CA ASP A 427 -21.10 -3.99 -2.75
C ASP A 427 -21.34 -2.68 -2.04
N SER A 428 -20.80 -2.57 -0.83
CA SER A 428 -21.03 -1.42 0.01
C SER A 428 -20.03 -1.45 1.15
N PHE A 429 -19.51 -0.28 1.51
CA PHE A 429 -18.62 -0.21 2.67
C PHE A 429 -19.36 -0.57 3.96
N GLY A 430 -20.70 -0.62 3.93
CA GLY A 430 -21.41 -1.18 5.05
C GLY A 430 -21.20 -2.68 5.19
N ASN A 431 -20.89 -3.35 4.08
CA ASN A 431 -20.57 -4.77 4.09
C ASN A 431 -19.08 -5.03 4.26
N LEU A 432 -18.36 -4.06 4.78
CA LEU A 432 -16.94 -4.20 5.05
C LEU A 432 -16.65 -3.75 6.47
N GLU A 433 -15.85 -4.54 7.18
CA GLU A 433 -15.37 -4.18 8.50
C GLU A 433 -13.90 -4.51 8.56
N VAL A 434 -13.20 -3.92 9.51
CA VAL A 434 -11.80 -4.25 9.77
C VAL A 434 -11.66 -4.52 11.26
N SER A 435 -11.00 -5.61 11.59
CA SER A 435 -10.83 -6.01 12.97
C SER A 435 -9.64 -5.29 13.60
N PRO A 436 -9.59 -5.23 14.92
CA PRO A 436 -8.37 -4.76 15.59
C PRO A 436 -7.23 -5.72 15.34
N PRO A 437 -6.00 -5.32 15.63
CA PRO A 437 -4.88 -6.27 15.52
C PRO A 437 -5.19 -7.55 16.29
N VAL A 438 -4.81 -8.68 15.70
CA VAL A 438 -5.10 -10.00 16.26
C VAL A 438 -3.95 -10.93 15.95
N THR A 439 -3.82 -11.97 16.77
CA THR A 439 -2.90 -13.07 16.55
C THR A 439 -3.72 -14.35 16.48
N VAL A 440 -3.49 -15.16 15.45
CA VAL A 440 -4.28 -16.34 15.19
C VAL A 440 -3.33 -17.50 14.92
N ASN A 441 -3.34 -18.50 15.80
CA ASN A 441 -2.47 -19.67 15.67
C ASN A 441 -1.02 -19.25 15.43
N GLY A 442 -0.54 -18.32 16.26
CA GLY A 442 0.81 -17.84 16.17
C GLY A 442 1.08 -16.86 15.04
N LYS A 443 0.13 -16.68 14.11
CA LYS A 443 0.31 -15.77 13.00
C LYS A 443 -0.30 -14.42 13.36
N THR A 444 0.52 -13.37 13.35
CA THR A 444 0.07 -12.06 13.77
C THR A 444 -0.46 -11.26 12.59
N TYR A 445 -1.56 -10.52 12.84
CA TYR A 445 -2.12 -9.59 11.88
C TYR A 445 -2.07 -8.22 12.54
N PRO A 446 -0.92 -7.54 12.48
CA PRO A 446 -0.74 -6.30 13.25
C PRO A 446 -1.63 -5.16 12.79
N LEU A 447 -2.27 -5.27 11.63
CA LEU A 447 -3.18 -4.25 11.14
C LEU A 447 -4.62 -4.75 11.10
N GLY A 448 -4.92 -5.86 11.78
CA GLY A 448 -6.26 -6.41 11.76
C GLY A 448 -6.54 -7.13 10.45
N ARG A 449 -7.78 -7.60 10.34
CA ARG A 449 -8.21 -8.30 9.14
C ARG A 449 -9.51 -7.69 8.64
N ILE A 450 -9.60 -7.51 7.32
CA ILE A 450 -10.82 -7.00 6.71
C ILE A 450 -11.85 -8.13 6.66
N LEU A 451 -13.09 -7.78 6.96
CA LEU A 451 -14.19 -8.74 6.99
C LEU A 451 -15.21 -8.34 5.93
N ILE A 452 -15.62 -9.32 5.13
CA ILE A 452 -16.48 -9.10 3.96
C ILE A 452 -17.69 -10.02 4.09
N GLY A 453 -18.89 -9.44 4.04
CA GLY A 453 -20.09 -10.25 4.06
C GLY A 453 -20.29 -10.97 2.74
N SER A 454 -20.70 -12.23 2.82
CA SER A 454 -20.85 -13.05 1.63
C SER A 454 -21.98 -14.04 1.85
N SER A 455 -22.09 -15.02 0.94
CA SER A 455 -23.03 -16.12 1.07
C SER A 455 -22.26 -17.44 1.11
N PHE A 456 -23.00 -18.52 1.33
CA PHE A 456 -22.41 -19.84 1.37
C PHE A 456 -22.01 -20.30 -0.03
N PRO A 457 -20.95 -21.10 -0.14
CA PRO A 457 -20.46 -21.49 -1.47
C PRO A 457 -21.52 -22.07 -2.40
N LEU A 458 -22.34 -23.00 -1.90
CA LEU A 458 -23.33 -23.69 -2.73
C LEU A 458 -24.70 -23.03 -2.69
N SER A 459 -24.80 -21.81 -2.17
CA SER A 459 -26.09 -21.19 -1.93
C SER A 459 -26.72 -20.57 -3.17
N GLY A 460 -25.92 -20.20 -4.17
CA GLY A 460 -26.43 -19.35 -5.20
C GLY A 460 -26.80 -17.95 -4.74
N GLY A 461 -26.39 -17.58 -3.52
CA GLY A 461 -26.74 -16.28 -2.98
C GLY A 461 -25.82 -15.18 -3.49
N ARG A 462 -26.04 -13.99 -2.94
CA ARG A 462 -25.27 -12.83 -3.38
C ARG A 462 -23.85 -12.88 -2.82
N ARG A 463 -22.96 -12.18 -3.51
CA ARG A 463 -21.56 -12.10 -3.09
C ARG A 463 -21.03 -10.75 -3.52
N MET A 464 -20.14 -10.18 -2.70
CA MET A 464 -19.47 -8.96 -3.13
C MET A 464 -18.79 -9.22 -4.46
N THR A 465 -18.80 -8.21 -5.34
CA THR A 465 -18.25 -8.41 -6.66
C THR A 465 -16.77 -8.78 -6.58
N LYS A 466 -16.33 -9.61 -7.52
CA LYS A 466 -14.97 -10.14 -7.49
C LYS A 466 -13.92 -9.03 -7.54
N VAL A 467 -14.20 -7.94 -8.25
CA VAL A 467 -13.22 -6.87 -8.35
C VAL A 467 -12.93 -6.28 -6.99
N VAL A 468 -13.96 -6.08 -6.17
CA VAL A 468 -13.75 -5.53 -4.84
C VAL A 468 -12.94 -6.48 -3.98
N ARG A 469 -13.36 -7.76 -3.92
CA ARG A 469 -12.65 -8.73 -3.11
C ARG A 469 -11.21 -8.88 -3.57
N ASP A 470 -10.99 -8.91 -4.89
CA ASP A 470 -9.62 -9.03 -5.39
C ASP A 470 -8.78 -7.81 -5.02
N PHE A 471 -9.38 -6.62 -5.07
CA PHE A 471 -8.63 -5.42 -4.70
C PHE A 471 -8.22 -5.46 -3.23
N LEU A 472 -9.15 -5.83 -2.35
CA LEU A 472 -8.84 -5.87 -0.92
C LEU A 472 -7.78 -6.91 -0.62
N LYS A 473 -7.89 -8.09 -1.25
CA LYS A 473 -6.87 -9.11 -1.07
C LYS A 473 -5.51 -8.64 -1.60
N ALA A 474 -5.53 -7.89 -2.71
CA ALA A 474 -4.28 -7.44 -3.31
C ALA A 474 -3.52 -6.47 -2.41
N GLN A 475 -4.20 -5.80 -1.48
CA GLN A 475 -3.49 -4.95 -0.53
C GLN A 475 -2.69 -5.78 0.47
N GLN A 476 -3.07 -7.05 0.64
CA GLN A 476 -2.26 -8.04 1.37
C GLN A 476 -2.26 -7.85 2.88
N VAL A 477 -2.06 -6.61 3.34
CA VAL A 477 -1.69 -6.39 4.74
C VAL A 477 -2.83 -6.59 5.72
N GLN A 478 -4.08 -6.67 5.25
CA GLN A 478 -5.20 -6.94 6.15
C GLN A 478 -6.00 -8.16 5.71
N ALA A 479 -5.28 -9.21 5.27
CA ALA A 479 -5.76 -10.54 4.90
C ALA A 479 -7.27 -10.72 5.10
N PRO A 480 -8.09 -10.39 4.10
CA PRO A 480 -9.54 -10.36 4.29
C PRO A 480 -10.15 -11.72 4.60
N VAL A 481 -11.25 -11.69 5.34
CA VAL A 481 -12.04 -12.85 5.72
C VAL A 481 -13.47 -12.63 5.26
N GLU A 482 -14.06 -13.63 4.63
CA GLU A 482 -15.46 -13.56 4.21
C GLU A 482 -16.38 -14.08 5.32
N LEU A 483 -17.39 -13.30 5.63
CA LEU A 483 -18.41 -13.66 6.60
C LEU A 483 -19.69 -14.00 5.87
N TYR A 484 -20.73 -14.30 6.65
CA TYR A 484 -22.03 -14.67 6.10
C TYR A 484 -23.00 -13.54 6.40
N SER A 485 -23.25 -12.69 5.39
CA SER A 485 -24.18 -11.59 5.53
C SER A 485 -25.39 -11.69 4.62
N ASP A 486 -25.47 -12.71 3.77
CA ASP A 486 -26.58 -12.78 2.82
C ASP A 486 -27.89 -13.22 3.45
N TRP A 487 -27.90 -13.56 4.74
CA TRP A 487 -29.16 -13.77 5.44
C TRP A 487 -29.86 -12.46 5.74
N LEU A 488 -29.20 -11.33 5.53
CA LEU A 488 -29.77 -10.01 5.77
C LEU A 488 -30.26 -9.42 4.46
N THR A 489 -31.42 -8.74 4.51
CA THR A 489 -31.98 -8.14 3.31
C THR A 489 -30.97 -7.21 2.65
N VAL A 490 -30.41 -6.28 3.42
CA VAL A 490 -29.40 -5.37 2.87
C VAL A 490 -28.09 -6.10 2.64
N GLY A 491 -27.69 -6.95 3.58
CA GLY A 491 -26.54 -7.83 3.39
C GLY A 491 -25.21 -7.25 3.85
N HIS A 492 -25.22 -6.49 4.94
CA HIS A 492 -24.02 -5.81 5.42
C HIS A 492 -23.59 -6.37 6.77
N VAL A 493 -22.28 -6.57 6.94
CA VAL A 493 -21.81 -7.09 8.22
C VAL A 493 -22.02 -6.08 9.33
N ASP A 494 -22.05 -4.79 8.99
CA ASP A 494 -22.25 -3.80 10.06
C ASP A 494 -23.67 -3.82 10.61
N GLU A 495 -24.54 -4.68 10.09
CA GLU A 495 -25.87 -4.89 10.66
C GLU A 495 -25.85 -5.81 11.88
N PHE A 496 -24.76 -6.55 12.11
CA PHE A 496 -24.77 -7.52 13.19
C PHE A 496 -23.48 -7.60 13.97
N MET A 497 -22.45 -6.81 13.65
CA MET A 497 -21.19 -6.93 14.38
C MET A 497 -20.46 -5.60 14.40
N SER A 498 -19.59 -5.47 15.38
CA SER A 498 -18.76 -4.28 15.53
C SER A 498 -17.69 -4.61 16.58
N PHE A 499 -16.68 -3.75 16.65
CA PHE A 499 -15.64 -3.86 17.65
C PHE A 499 -15.57 -2.58 18.45
N VAL A 500 -15.37 -2.71 19.76
CA VAL A 500 -15.09 -1.58 20.62
C VAL A 500 -13.81 -1.88 21.40
N PRO A 501 -13.02 -0.88 21.74
CA PRO A 501 -11.89 -1.11 22.64
C PRO A 501 -12.37 -1.20 24.08
N ILE A 502 -11.57 -1.89 24.89
CA ILE A 502 -11.79 -1.93 26.33
C ILE A 502 -10.97 -0.80 26.95
N PRO A 503 -11.61 0.25 27.46
CA PRO A 503 -10.84 1.40 27.96
C PRO A 503 -9.76 0.97 28.94
N GLY A 504 -8.62 1.65 28.86
CA GLY A 504 -7.53 1.38 29.78
C GLY A 504 -6.81 0.08 29.56
N THR A 505 -6.95 -0.54 28.38
CA THR A 505 -6.28 -1.78 28.07
C THR A 505 -5.86 -1.77 26.61
N LYS A 506 -5.11 -2.79 26.22
CA LYS A 506 -4.81 -3.06 24.82
C LYS A 506 -5.78 -4.08 24.21
N LYS A 507 -6.83 -4.44 24.93
CA LYS A 507 -7.79 -5.43 24.48
C LYS A 507 -9.01 -4.76 23.86
N PHE A 508 -9.80 -5.55 23.13
CA PHE A 508 -11.01 -5.07 22.49
C PHE A 508 -12.10 -6.11 22.70
N LEU A 509 -13.32 -5.73 22.31
CA LEU A 509 -14.46 -6.63 22.35
C LEU A 509 -15.12 -6.70 20.99
N LEU A 510 -15.61 -7.88 20.64
CA LEU A 510 -16.51 -8.05 19.52
C LEU A 510 -17.95 -7.91 20.02
N LEU A 511 -18.71 -7.02 19.39
CA LEU A 511 -20.13 -6.87 19.68
C LEU A 511 -20.92 -7.61 18.61
N MET A 512 -21.83 -8.48 19.04
CA MET A 512 -22.66 -9.26 18.13
C MET A 512 -24.11 -8.95 18.40
N ALA A 513 -24.87 -8.73 17.34
CA ALA A 513 -26.33 -8.75 17.49
C ALA A 513 -26.74 -10.12 17.98
N SER A 514 -27.80 -10.17 18.79
CA SER A 514 -28.27 -11.44 19.32
C SER A 514 -29.78 -11.39 19.49
N THR A 515 -30.50 -12.21 18.72
CA THR A 515 -31.94 -12.28 18.93
C THR A 515 -32.28 -13.04 20.21
N SER A 516 -31.47 -14.04 20.58
CA SER A 516 -31.76 -14.77 21.82
C SER A 516 -31.61 -13.88 23.04
N ALA A 517 -30.60 -13.00 23.04
CA ALA A 517 -30.50 -12.02 24.11
C ALA A 517 -31.74 -11.14 24.18
N CYS A 518 -32.36 -10.85 23.02
CA CYS A 518 -33.53 -9.98 23.03
C CYS A 518 -34.74 -10.71 23.60
N TYR A 519 -34.93 -11.99 23.23
CA TYR A 519 -36.06 -12.73 23.76
C TYR A 519 -35.90 -13.02 25.25
N LYS A 520 -34.68 -13.30 25.69
CA LYS A 520 -34.44 -13.48 27.12
C LYS A 520 -34.85 -12.23 27.90
N LEU A 521 -34.41 -11.06 27.43
CA LEU A 521 -34.77 -9.82 28.09
C LEU A 521 -36.27 -9.58 28.09
N PHE A 522 -36.93 -9.84 26.95
CA PHE A 522 -38.37 -9.57 26.87
C PHE A 522 -39.16 -10.52 27.75
N ARG A 523 -38.81 -11.81 27.74
CA ARG A 523 -39.48 -12.76 28.63
C ARG A 523 -39.28 -12.38 30.09
N GLU A 524 -38.12 -11.81 30.42
CA GLU A 524 -37.88 -11.34 31.77
C GLU A 524 -38.80 -10.17 32.12
N LYS A 525 -38.84 -9.16 31.25
CA LYS A 525 -39.71 -8.01 31.52
C LYS A 525 -41.17 -8.42 31.55
N GLN A 526 -41.56 -9.39 30.73
CA GLN A 526 -42.92 -9.90 30.77
C GLN A 526 -43.19 -10.61 32.10
N LYS A 527 -42.26 -11.45 32.55
CA LYS A 527 -42.40 -12.09 33.85
C LYS A 527 -42.50 -11.05 34.95
N ASP A 528 -41.74 -9.95 34.83
CA ASP A 528 -41.76 -8.87 35.79
C ASP A 528 -42.99 -7.98 35.67
N GLY A 529 -43.95 -8.35 34.82
CA GLY A 529 -45.20 -7.62 34.73
C GLY A 529 -45.20 -6.44 33.78
N HIS A 530 -44.27 -6.39 32.83
CA HIS A 530 -44.18 -5.30 31.87
C HIS A 530 -44.48 -5.76 30.45
N GLY A 531 -45.32 -6.78 30.30
CA GLY A 531 -45.65 -7.26 28.96
C GLY A 531 -46.37 -6.22 28.12
N GLU A 532 -47.05 -5.28 28.77
CA GLU A 532 -47.79 -4.25 28.06
C GLU A 532 -46.93 -3.03 27.72
N ALA A 533 -45.64 -3.06 28.01
CA ALA A 533 -44.77 -1.97 27.59
C ALA A 533 -44.80 -1.83 26.08
N ILE A 534 -44.78 -0.58 25.61
CA ILE A 534 -44.92 -0.27 24.19
C ILE A 534 -43.56 0.04 23.59
N MET A 535 -43.34 -0.40 22.37
CA MET A 535 -42.13 -0.12 21.62
C MET A 535 -42.36 1.06 20.67
N PHE A 536 -41.29 1.78 20.37
CA PHE A 536 -41.29 2.89 19.43
C PHE A 536 -41.97 4.14 19.97
N LYS A 537 -42.01 4.29 21.29
CA LYS A 537 -42.57 5.50 21.90
C LYS A 537 -41.81 6.74 21.42
N GLY A 538 -42.56 7.75 21.00
CA GLY A 538 -41.98 8.94 20.41
C GLY A 538 -41.90 8.92 18.91
N LEU A 539 -42.46 7.90 18.26
CA LEU A 539 -42.51 7.80 16.80
C LEU A 539 -43.98 7.72 16.42
N GLY A 540 -44.56 8.86 16.01
CA GLY A 540 -45.99 8.92 15.76
C GLY A 540 -46.45 8.09 14.58
N GLY A 541 -45.56 7.85 13.61
CA GLY A 541 -45.89 7.02 12.47
C GLY A 541 -46.05 5.54 12.79
N MET A 542 -45.70 5.13 14.00
CA MET A 542 -45.86 3.75 14.42
C MET A 542 -46.80 3.67 15.62
N LYS A 545 -49.54 1.04 15.47
CA LYS A 545 -49.20 -0.38 15.51
C LYS A 545 -49.38 -0.95 16.92
N ARG A 546 -49.12 -0.12 17.93
CA ARG A 546 -49.28 -0.51 19.32
C ARG A 546 -48.55 -1.83 19.61
N ILE A 547 -47.23 -1.78 19.47
CA ILE A 547 -46.38 -2.97 19.60
C ILE A 547 -45.92 -3.08 21.05
N THR A 548 -46.22 -4.21 21.69
CA THR A 548 -45.88 -4.46 23.08
C THR A 548 -44.98 -5.69 23.18
N ILE A 549 -44.45 -5.90 24.39
CA ILE A 549 -43.65 -7.10 24.65
C ILE A 549 -44.50 -8.35 24.50
N ASN A 550 -45.69 -8.35 25.11
CA ASN A 550 -46.60 -9.48 24.98
C ASN A 550 -46.89 -9.81 23.53
N LYS A 551 -47.15 -8.78 22.72
CA LYS A 551 -47.43 -9.00 21.30
C LYS A 551 -46.22 -9.58 20.58
N ILE A 552 -45.01 -9.23 21.01
CA ILE A 552 -43.81 -9.76 20.36
C ILE A 552 -43.58 -11.21 20.76
N LEU A 553 -43.79 -11.53 22.04
CA LEU A 553 -43.50 -12.88 22.51
C LEU A 553 -44.54 -13.88 22.04
N SER A 554 -45.77 -13.43 21.81
N SER A 554 -45.78 -13.43 21.80
CA SER A 554 -46.84 -14.31 21.36
CA SER A 554 -46.85 -14.30 21.35
C SER A 554 -46.77 -14.61 19.86
C SER A 554 -46.78 -14.60 19.86
N ASN A 555 -45.94 -13.91 19.11
CA ASN A 555 -45.82 -14.09 17.67
C ASN A 555 -44.93 -15.30 17.41
N GLU A 556 -45.56 -16.46 17.19
CA GLU A 556 -44.80 -17.69 16.99
C GLU A 556 -43.94 -17.61 15.73
N SER A 557 -44.54 -17.17 14.61
CA SER A 557 -43.78 -17.03 13.38
C SER A 557 -42.53 -16.17 13.58
N LEU A 558 -42.67 -15.07 14.32
CA LEU A 558 -41.52 -14.20 14.57
C LEU A 558 -40.46 -14.93 15.39
N VAL A 559 -40.88 -15.77 16.34
CA VAL A 559 -39.92 -16.52 17.14
C VAL A 559 -39.09 -17.45 16.25
N GLN A 560 -39.77 -18.23 15.41
CA GLN A 560 -39.04 -19.15 14.55
C GLN A 560 -38.08 -18.39 13.65
N GLU A 561 -38.52 -17.26 13.09
CA GLU A 561 -37.65 -16.46 12.25
C GLU A 561 -36.38 -16.07 12.99
N ASN A 562 -36.52 -15.57 14.22
CA ASN A 562 -35.36 -15.09 14.96
C ASN A 562 -34.50 -16.20 15.52
N LEU A 563 -35.06 -17.40 15.69
CA LEU A 563 -34.23 -18.56 15.99
C LEU A 563 -33.32 -18.89 14.81
N TYR A 564 -33.87 -18.85 13.60
CA TYR A 564 -33.06 -19.05 12.40
C TYR A 564 -32.00 -17.97 12.26
N PHE A 565 -32.39 -16.71 12.46
CA PHE A 565 -31.43 -15.62 12.38
C PHE A 565 -30.35 -15.75 13.45
N GLN A 566 -30.68 -16.32 14.60
CA GLN A 566 -29.63 -16.56 15.59
C GLN A 566 -28.65 -17.61 15.09
N ARG A 567 -29.13 -18.62 14.36
CA ARG A 567 -28.23 -19.59 13.74
C ARG A 567 -27.28 -18.90 12.76
N CYS A 568 -27.80 -17.95 11.98
CA CYS A 568 -26.94 -17.20 11.07
C CYS A 568 -25.92 -16.38 11.83
N LEU A 569 -26.33 -15.72 12.91
CA LEU A 569 -25.39 -14.96 13.73
C LEU A 569 -24.33 -15.87 14.31
N ASP A 570 -24.74 -17.04 14.80
CA ASP A 570 -23.80 -17.96 15.44
C ASP A 570 -22.84 -18.57 14.44
N TRP A 571 -23.29 -18.76 13.19
CA TRP A 571 -22.39 -19.21 12.14
C TRP A 571 -21.28 -18.19 11.92
N ASN A 572 -21.63 -16.91 11.94
CA ASN A 572 -20.63 -15.86 11.85
C ASN A 572 -19.77 -15.81 13.10
N ARG A 573 -20.38 -15.96 14.28
CA ARG A 573 -19.62 -15.98 15.52
C ARG A 573 -18.47 -16.98 15.42
N ASP A 574 -18.76 -18.17 14.89
CA ASP A 574 -17.75 -19.23 14.82
C ASP A 574 -16.61 -18.86 13.87
N ILE A 575 -16.93 -18.20 12.74
CA ILE A 575 -15.88 -17.74 11.83
C ILE A 575 -15.02 -16.68 12.50
N LEU A 576 -15.66 -15.72 13.16
CA LEU A 576 -14.90 -14.63 13.77
C LEU A 576 -13.97 -15.14 14.85
N LYS A 577 -14.45 -16.04 15.70
CA LYS A 577 -13.58 -16.61 16.72
C LYS A 577 -12.42 -17.36 16.08
N LYS A 578 -12.69 -18.14 15.04
CA LYS A 578 -11.65 -18.91 14.38
C LYS A 578 -10.63 -18.01 13.69
N GLU A 579 -11.11 -17.05 12.91
CA GLU A 579 -10.24 -16.25 12.07
C GLU A 579 -9.63 -15.04 12.79
N LEU A 580 -10.16 -14.67 13.95
CA LEU A 580 -9.63 -13.54 14.71
C LEU A 580 -9.03 -13.95 16.04
N GLY A 581 -9.02 -15.24 16.37
CA GLY A 581 -8.42 -15.70 17.61
C GLY A 581 -9.20 -15.30 18.85
N LEU A 582 -10.52 -15.28 18.76
CA LEU A 582 -11.37 -14.82 19.84
C LEU A 582 -11.90 -15.98 20.65
N THR A 583 -12.11 -15.72 21.94
CA THR A 583 -12.84 -16.62 22.83
C THR A 583 -14.16 -15.98 23.19
N GLU A 584 -15.01 -16.75 23.88
CA GLU A 584 -16.29 -16.22 24.32
C GLU A 584 -16.13 -15.05 25.28
N GLN A 585 -14.94 -14.91 25.89
CA GLN A 585 -14.69 -13.79 26.80
C GLN A 585 -14.54 -12.47 26.06
N ASP A 586 -14.39 -12.48 24.74
CA ASP A 586 -14.16 -11.28 23.95
C ASP A 586 -15.41 -10.81 23.23
N ILE A 587 -16.57 -11.39 23.53
CA ILE A 587 -17.79 -11.14 22.77
C ILE A 587 -18.88 -10.68 23.71
N ILE A 588 -19.55 -9.59 23.36
CA ILE A 588 -20.77 -9.14 24.02
C ILE A 588 -21.90 -9.28 23.03
N ASP A 589 -23.02 -9.85 23.47
CA ASP A 589 -24.20 -10.02 22.65
C ASP A 589 -25.17 -8.88 22.94
N LEU A 590 -25.43 -8.06 21.93
CA LEU A 590 -26.40 -7.01 22.14
C LEU A 590 -27.77 -7.45 21.63
N PRO A 591 -28.83 -7.19 22.38
CA PRO A 591 -30.15 -7.63 21.93
C PRO A 591 -30.49 -7.04 20.58
N ALA A 592 -31.05 -7.88 19.71
CA ALA A 592 -31.50 -7.44 18.40
C ALA A 592 -32.70 -8.28 18.00
N LEU A 593 -33.45 -7.78 17.03
CA LEU A 593 -34.65 -8.46 16.59
C LEU A 593 -34.81 -8.17 15.10
N PHE A 594 -35.22 -9.18 14.34
CA PHE A 594 -35.34 -9.06 12.91
C PHE A 594 -36.73 -9.51 12.46
N LYS A 595 -37.14 -9.02 11.31
CA LYS A 595 -38.32 -9.51 10.61
C LYS A 595 -37.87 -10.12 9.29
N MET A 596 -38.46 -11.25 8.93
CA MET A 596 -38.10 -11.95 7.70
C MET A 596 -38.94 -11.43 6.54
N ASP A 597 -38.31 -11.30 5.37
CA ASP A 597 -39.00 -10.86 4.17
C ASP A 597 -39.27 -12.05 3.25
N GLU A 598 -39.82 -11.76 2.07
CA GLU A 598 -40.20 -12.82 1.14
C GLU A 598 -39.00 -13.67 0.73
N ASP A 599 -37.80 -13.10 0.68
CA ASP A 599 -36.60 -13.83 0.33
C ASP A 599 -35.99 -14.57 1.51
N HIS A 600 -36.69 -14.59 2.65
CA HIS A 600 -36.19 -15.24 3.86
C HIS A 600 -34.97 -14.53 4.43
N ARG A 601 -34.84 -13.24 4.19
CA ARG A 601 -33.75 -12.45 4.73
C ARG A 601 -34.28 -11.49 5.79
N ALA A 602 -33.38 -11.08 6.68
CA ALA A 602 -33.74 -10.33 7.88
C ALA A 602 -33.57 -8.84 7.68
N ARG A 603 -34.49 -8.07 8.24
CA ARG A 603 -34.34 -6.62 8.37
C ARG A 603 -34.64 -6.25 9.80
N ALA A 604 -33.89 -5.28 10.32
CA ALA A 604 -33.99 -4.91 11.73
C ALA A 604 -35.43 -4.58 12.12
N PHE A 605 -35.88 -5.18 13.21
CA PHE A 605 -37.18 -4.83 13.78
C PHE A 605 -37.13 -3.47 14.46
N PHE A 606 -36.07 -3.20 15.22
CA PHE A 606 -35.77 -1.90 15.76
C PHE A 606 -34.31 -1.58 15.46
N PRO A 607 -33.93 -0.30 15.57
CA PRO A 607 -32.60 0.11 15.09
C PRO A 607 -31.49 -0.78 15.64
N ASN A 608 -30.60 -1.21 14.74
CA ASN A 608 -29.49 -2.07 15.11
CA ASN A 608 -29.49 -2.07 15.12
C ASN A 608 -28.50 -1.30 15.97
N MET A 609 -28.43 -1.61 17.26
CA MET A 609 -27.55 -0.91 18.18
C MET A 609 -26.08 -1.26 17.96
N VAL A 610 -25.79 -2.34 17.24
CA VAL A 610 -24.40 -2.74 17.05
C VAL A 610 -23.67 -1.76 16.14
N ASN A 611 -24.39 -1.09 15.25
CA ASN A 611 -23.77 -0.17 14.29
C ASN A 611 -23.65 1.20 14.96
N MET A 612 -22.59 1.36 15.73
CA MET A 612 -22.42 2.51 16.60
C MET A 612 -21.15 3.27 16.25
N ILE A 613 -21.11 4.52 16.70
CA ILE A 613 -19.94 5.38 16.58
C ILE A 613 -19.02 5.08 17.77
N VAL A 614 -17.79 4.67 17.47
CA VAL A 614 -16.83 4.30 18.51
C VAL A 614 -15.74 5.38 18.54
N LEU A 615 -15.74 6.17 19.61
CA LEU A 615 -14.76 7.24 19.83
C LEU A 615 -14.03 6.92 21.13
N ASP A 616 -13.11 5.95 21.06
CA ASP A 616 -12.48 5.42 22.26
C ASP A 616 -13.54 4.98 23.26
N LYS A 617 -13.51 5.51 24.48
CA LYS A 617 -14.45 5.04 25.50
C LYS A 617 -15.89 5.51 25.24
N ASP A 618 -16.10 6.41 24.28
CA ASP A 618 -17.40 7.03 24.05
C ASP A 618 -18.07 6.36 22.86
N LEU A 619 -19.25 5.80 23.09
CA LEU A 619 -20.00 5.08 22.07
C LEU A 619 -21.28 5.84 21.75
N GLY A 620 -21.50 6.10 20.47
CA GLY A 620 -22.76 6.66 20.02
C GLY A 620 -23.62 5.55 19.45
N ILE A 621 -24.63 5.14 20.20
CA ILE A 621 -25.37 3.92 19.93
C ILE A 621 -26.74 4.30 19.37
N PRO A 622 -27.14 3.75 18.22
CA PRO A 622 -28.48 4.05 17.70
C PRO A 622 -29.55 3.81 18.76
N LYS A 623 -30.42 4.79 18.93
CA LYS A 623 -31.47 4.71 19.95
C LYS A 623 -32.48 3.64 19.55
N PRO A 624 -32.71 2.62 20.38
CA PRO A 624 -33.53 1.48 19.95
C PRO A 624 -35.02 1.77 19.93
N PHE A 625 -35.47 2.67 20.80
CA PHE A 625 -36.90 2.92 20.97
C PHE A 625 -37.61 1.65 21.44
N GLY A 626 -37.05 1.02 22.47
CA GLY A 626 -37.62 -0.20 23.00
C GLY A 626 -38.71 0.07 24.02
N PRO A 627 -39.25 -1.01 24.58
CA PRO A 627 -40.28 -0.86 25.62
C PRO A 627 -39.75 -0.07 26.79
N GLN A 628 -40.54 0.89 27.25
CA GLN A 628 -40.16 1.78 28.35
C GLN A 628 -40.61 1.18 29.68
N VAL A 629 -39.64 0.91 30.55
CA VAL A 629 -39.90 0.41 31.90
C VAL A 629 -39.40 1.49 32.87
N GLU A 630 -40.35 2.14 33.55
CA GLU A 630 -40.02 3.23 34.47
C GLU A 630 -39.42 4.43 33.72
N GLU A 631 -40.12 4.84 32.66
CA GLU A 631 -39.71 5.99 31.85
C GLU A 631 -38.29 5.85 31.32
N GLU A 632 -37.85 4.61 31.10
CA GLU A 632 -36.52 4.34 30.57
C GLU A 632 -36.60 3.14 29.64
N CYS A 633 -36.00 3.27 28.45
CA CYS A 633 -35.97 2.17 27.51
C CYS A 633 -35.24 0.97 28.13
N CYS A 634 -35.90 -0.19 28.13
CA CYS A 634 -35.27 -1.36 28.73
C CYS A 634 -34.16 -1.94 27.86
N LEU A 635 -34.18 -1.66 26.55
CA LEU A 635 -33.03 -2.00 25.72
C LEU A 635 -31.85 -1.09 26.03
N GLU A 636 -32.11 0.20 26.26
CA GLU A 636 -31.04 1.13 26.61
C GLU A 636 -30.39 0.74 27.93
N MET A 637 -31.20 0.50 28.96
CA MET A 637 -30.66 0.11 30.26
C MET A 637 -29.91 -1.20 30.18
N HIS A 638 -30.36 -2.13 29.33
CA HIS A 638 -29.66 -3.40 29.19
C HIS A 638 -28.30 -3.21 28.53
N VAL A 639 -28.26 -2.46 27.43
CA VAL A 639 -26.98 -2.19 26.76
C VAL A 639 -26.03 -1.48 27.71
N ARG A 640 -26.54 -0.53 28.49
CA ARG A 640 -25.69 0.15 29.48
C ARG A 640 -25.15 -0.84 30.50
N GLY A 641 -25.99 -1.76 30.96
CA GLY A 641 -25.52 -2.76 31.91
C GLY A 641 -24.45 -3.66 31.34
N LEU A 642 -24.45 -3.86 30.02
CA LEU A 642 -23.44 -4.71 29.40
C LEU A 642 -22.13 -3.97 29.18
N LEU A 643 -22.19 -2.70 28.80
CA LEU A 643 -21.01 -1.97 28.34
C LEU A 643 -20.39 -1.07 29.39
N GLU A 644 -21.20 -0.44 30.24
CA GLU A 644 -20.69 0.58 31.15
C GLU A 644 -19.73 0.00 32.20
N PRO A 645 -19.99 -1.20 32.73
CA PRO A 645 -19.03 -1.76 33.69
C PRO A 645 -17.62 -1.90 33.14
N LEU A 646 -17.46 -1.86 31.82
CA LEU A 646 -16.16 -1.96 31.18
C LEU A 646 -15.50 -0.61 30.96
N GLY A 647 -16.05 0.46 31.53
CA GLY A 647 -15.53 1.79 31.28
C GLY A 647 -16.00 2.43 30.00
N LEU A 648 -16.95 1.81 29.29
CA LEU A 648 -17.50 2.38 28.08
C LEU A 648 -18.67 3.29 28.44
N GLU A 649 -18.72 4.46 27.81
CA GLU A 649 -19.75 5.45 28.06
C GLU A 649 -20.71 5.47 26.88
N CYS A 650 -21.99 5.28 27.15
CA CYS A 650 -23.00 5.08 26.13
C CYS A 650 -23.82 6.35 25.93
N THR A 651 -23.84 6.85 24.71
CA THR A 651 -24.76 7.91 24.30
C THR A 651 -25.64 7.36 23.18
N PHE A 652 -26.94 7.44 23.37
CA PHE A 652 -27.88 6.88 22.42
C PHE A 652 -28.32 7.98 21.45
N ILE A 653 -28.07 7.78 20.17
CA ILE A 653 -28.30 8.79 19.15
C ILE A 653 -29.59 8.45 18.41
N ASP A 654 -30.46 9.44 18.29
CA ASP A 654 -31.74 9.28 17.61
C ASP A 654 -31.58 9.74 16.15
N ASP A 655 -31.59 8.80 15.22
CA ASP A 655 -31.43 9.10 13.80
C ASP A 655 -32.69 8.76 12.99
N ILE A 656 -33.86 8.73 13.62
CA ILE A 656 -35.07 8.30 12.95
C ILE A 656 -36.28 9.14 13.36
N SER A 657 -36.16 9.85 14.49
CA SER A 657 -37.30 10.63 14.99
C SER A 657 -37.74 11.70 13.99
N ALA A 658 -36.80 12.27 13.22
CA ALA A 658 -37.17 13.25 12.22
C ALA A 658 -38.02 12.65 11.10
N TYR A 659 -38.04 11.33 10.98
CA TYR A 659 -38.85 10.65 9.97
C TYR A 659 -40.17 10.13 10.52
N HIS A 660 -40.32 10.04 11.84
CA HIS A 660 -41.54 9.70 12.56
C HIS A 660 -41.82 8.21 12.59
N LYS A 661 -40.96 7.37 12.04
CA LYS A 661 -41.19 5.92 12.03
C LYS A 661 -39.93 5.23 11.55
N PHE A 662 -39.86 3.93 11.84
CA PHE A 662 -38.71 3.09 11.51
C PHE A 662 -39.19 1.91 10.69
N LEU A 663 -38.71 1.80 9.45
CA LEU A 663 -39.02 0.67 8.57
C LEU A 663 -37.80 -0.20 8.32
N GLY A 664 -36.82 -0.17 9.22
CA GLY A 664 -35.58 -0.89 9.06
C GLY A 664 -34.45 -0.08 8.47
N GLU A 665 -34.70 1.14 8.03
CA GLU A 665 -33.70 1.96 7.36
C GLU A 665 -33.17 3.04 8.32
N VAL A 666 -31.86 3.20 8.32
CA VAL A 666 -31.20 4.39 8.86
C VAL A 666 -30.95 5.32 7.68
N HIS A 667 -31.30 6.59 7.85
CA HIS A 667 -31.09 7.57 6.81
C HIS A 667 -29.91 8.50 7.10
N CYS A 668 -29.31 8.37 8.28
CA CYS A 668 -28.15 9.16 8.67
C CYS A 668 -26.91 8.29 8.72
N GLY A 669 -25.76 8.89 8.38
CA GLY A 669 -24.50 8.20 8.42
C GLY A 669 -23.46 9.01 9.16
N THR A 670 -22.45 8.29 9.65
CA THR A 670 -21.26 8.91 10.22
C THR A 670 -20.06 8.07 9.81
N ASN A 671 -18.91 8.74 9.73
CA ASN A 671 -17.65 8.07 9.43
C ASN A 671 -16.55 8.77 10.20
N VAL A 672 -15.63 8.00 10.75
CA VAL A 672 -14.58 8.52 11.62
C VAL A 672 -13.24 8.36 10.91
N ARG A 673 -12.49 9.45 10.82
CA ARG A 673 -11.12 9.39 10.36
C ARG A 673 -10.23 9.19 11.59
N ARG A 674 -9.43 8.13 11.57
CA ARG A 674 -8.67 7.73 12.75
C ARG A 674 -7.18 7.89 12.49
N LYS A 675 -6.44 7.97 13.59
CA LYS A 675 -4.99 7.92 13.49
C LYS A 675 -4.57 6.58 12.89
N PRO A 676 -3.57 6.54 12.03
CA PRO A 676 -3.10 5.26 11.51
C PRO A 676 -2.48 4.41 12.61
N PHE A 677 -2.35 3.12 12.31
CA PHE A 677 -1.59 2.24 13.19
C PHE A 677 -0.19 2.79 13.40
N THR A 678 0.35 2.60 14.61
CA THR A 678 1.76 2.92 14.80
C THR A 678 2.64 1.88 14.15
N PHE A 679 2.17 0.64 14.05
CA PHE A 679 2.88 -0.41 13.35
C PHE A 679 2.96 -0.08 11.86
N LYS A 680 4.18 -0.04 11.31
CA LYS A 680 4.35 0.24 9.89
C LYS A 680 4.04 -1.01 9.08
N TRP A 681 3.23 -0.85 8.03
CA TRP A 681 2.75 -2.02 7.30
C TRP A 681 3.90 -2.83 6.72
N TRP A 682 4.99 -2.17 6.32
CA TRP A 682 6.09 -2.90 5.69
C TRP A 682 6.87 -3.77 6.67
N HIS A 683 6.62 -3.64 7.97
CA HIS A 683 7.23 -4.54 8.94
C HIS A 683 6.49 -5.86 9.06
N MET A 684 5.34 -5.99 8.42
CA MET A 684 4.57 -7.22 8.43
C MET A 684 5.25 -8.28 7.55
N VAL A 685 4.82 -9.53 7.73
CA VAL A 685 5.23 -10.60 6.82
C VAL A 685 3.99 -11.36 6.33
N PRO A 686 3.35 -10.92 5.24
CA PRO A 686 2.15 -11.63 4.77
C PRO A 686 2.48 -13.01 4.25
N SER A 687 1.47 -13.88 4.25
CA SER A 687 1.63 -15.22 3.72
C SER A 687 1.75 -15.18 2.20
N ARG A 688 2.48 -16.16 1.66
CA ARG A 688 2.71 -16.24 0.22
C ARG A 688 1.56 -16.92 -0.51
CA CA B . 0.37 16.01 -0.59
CA CA C . 0.08 15.12 -4.18
CA CA D . 0.26 15.29 -11.44
CA CA E . 17.68 5.36 3.43
C4 A1A8O F . -12.94 -0.20 -5.14
C6 A1A8O F . -12.08 -2.21 -6.14
C13 A1A8O F . -8.53 2.21 -7.21
C20 A1A8O F . -6.84 7.18 -8.94
C21 A1A8O F . -5.44 7.25 -8.43
C8 A1A8O F . -11.20 -0.21 -6.84
C16 A1A8O F . -6.10 3.65 -8.48
O17 A1A8O F . -5.26 3.03 -7.85
C19 A1A8O F . -7.05 5.75 -9.36
C26 A1A8O F . -14.62 -0.21 -3.30
C1 A1A8O F . -12.93 2.60 -5.03
C10 A1A8O F . -9.44 -0.17 -8.55
C11 A1A8O F . -8.72 0.91 -9.34
C12 A1A8O F . -7.78 1.73 -8.45
C14 A1A8O F . -9.21 1.03 -6.54
C15 A1A8O F . -7.23 2.92 -9.20
C2 A1A8O F . -12.11 1.97 -5.91
C22 A1A8O F . -5.12 5.87 -7.89
C24 A1A8O F . -13.77 0.49 -4.22
C25 A1A8O F . -13.75 1.88 -4.19
C27 A1A8O F . -14.08 -0.96 -2.27
C28 A1A8O F . -14.94 -1.62 -1.40
C29 A1A8O F . -16.30 -1.49 -1.60
C3 A1A8O F . -12.07 0.55 -5.98
C30 A1A8O F . -16.77 -0.74 -2.64
C5 A1A8O F . -12.92 -1.61 -5.25
N18 A1A8O F . -6.07 4.99 -8.58
N23 A1A8O F . -6.59 2.59 -10.37
N31 A1A8O F . -15.95 -0.10 -3.48
N7 A1A8O F . -11.21 -1.55 -6.92
N9 A1A8O F . -10.18 0.44 -7.45
CL1 A1A8O F . -17.39 -2.31 -0.53
CL2 A1A8O F . -12.37 -1.11 -2.02
H1 A1A8O F . -12.05 -3.30 -6.26
H2 A1A8O F . -7.84 2.69 -6.50
H3 A1A8O F . -9.26 2.97 -7.45
H4 A1A8O F . -7.00 7.86 -9.78
H5 A1A8O F . -7.56 7.49 -8.19
H6 A1A8O F . -4.75 7.54 -9.22
H7 A1A8O F . -5.34 8.02 -7.67
H8 A1A8O F . -6.91 5.59 -10.43
H9 A1A8O F . -8.07 5.41 -9.15
H10 A1A8O F . -12.94 3.70 -4.99
H11 A1A8O F . -8.72 -0.91 -8.21
H12 A1A8O F . -10.10 -0.72 -9.23
H13 A1A8O F . -8.18 0.43 -10.16
H14 A1A8O F . -9.48 1.54 -9.82
H15 A1A8O F . -6.97 1.07 -8.13
H16 A1A8O F . -9.70 1.34 -5.61
H17 A1A8O F . -8.48 0.29 -6.22
H18 A1A8O F . -8.10 3.56 -9.40
H19 A1A8O F . -11.45 2.53 -6.58
H20 A1A8O F . -5.24 5.81 -6.81
H21 A1A8O F . -4.10 5.56 -8.10
H22 A1A8O F . -14.39 2.40 -3.49
H23 A1A8O F . -14.55 -2.22 -0.58
H24 A1A8O F . -17.84 -0.62 -2.83
H25 A1A8O F . -13.57 -2.21 -4.63
H27 A1A8O F . -6.57 1.59 -10.56
H23B A1A8O F . -6.22 3.38 -10.89
#